data_8P0O
#
_entry.id   8P0O
#
_cell.length_a   47.338
_cell.length_b   113.331
_cell.length_c   260.115
_cell.angle_alpha   90.00
_cell.angle_beta   90.00
_cell.angle_gamma   90.00
#
_symmetry.space_group_name_H-M   'P 21 21 21'
#
loop_
_entity.id
_entity.type
_entity.pdbx_description
1 polymer Adhesin
2 non-polymer 1,2-ETHANEDIOL
3 non-polymer "GALACTOSE-URIDINE-5'-DIPHOSPHATE"
4 water water
#
_entity_poly.entity_id   1
_entity_poly.type   'polypeptide(L)'
_entity_poly.pdbx_seq_one_letter_code
;GMSRKKNPSVIQFEKAITEKNYEAACTELLDILNKIDTNFGDIEGIDFDYPQQLETLMQDRIVYFCTRMSNAITQLFCDP
QFSLSESGANRFFVVQRWLNLIFASSPYINADHILQTYNCNPERDSIYDIYLEPNKNVLMKFAVLYLPESNVNLNLDTMW
ETDKNICGSLCFALQSPRFIGTPAAFSKRSTILQWFPAKLEQFHVLDDLPSNISHDVYMHCSYDTAENKHNVKKALNQVI
RSHLLKCGWQDRQITQIGMRNGKPVMVVVLEHFHSSHSIYRTHSTSMIAAREQFYLIGLGNNAVDQAGRDVFDEFHEFDG
SNILKKLAFLKEMCEKNDAAVLYMPSIGMDLATIFVSNARFAPIQVIALGHPATTHSEFIEYVIVEDDYVGSESCFSETL
LRLPKDALPYVPSSLAPTDVQYVLRETPEVVNIGIAATTMKLNPYFLETLKTIRDRAKVKVHFHFALGQSIGITHPYVAR
FIRSYLGDDATAHPHSPYNRYLDILHNCDMMLNPFPFGNTNGIIDMVTLGLVGVCKTGPEVHEHIDEGLFKRLGLPEWLI
ADSVEDYIERAIRLAENHQERLALRRHIIENNGLKTLFSGDPSPMGKTLFAKLTEWRQTNGI
;
_entity_poly.pdbx_strand_id   A,B
#
# COMPACT_ATOMS: atom_id res chain seq x y z
N GLY A 1 -0.02 -20.79 24.53
CA GLY A 1 1.22 -20.61 25.32
C GLY A 1 1.01 -19.95 26.68
N MET A 2 2.02 -20.06 27.52
CA MET A 2 2.03 -19.44 28.84
C MET A 2 2.52 -18.02 28.67
N SER A 3 1.93 -17.10 29.45
CA SER A 3 2.32 -15.71 29.40
C SER A 3 2.05 -15.08 30.76
N ARG A 4 2.56 -13.87 30.97
CA ARG A 4 2.47 -13.22 32.27
C ARG A 4 1.04 -12.83 32.60
N LYS A 5 0.30 -12.39 31.58
CA LYS A 5 -0.96 -11.71 31.81
C LYS A 5 -1.82 -11.97 30.58
N LYS A 6 -3.14 -12.10 30.75
CA LYS A 6 -4.10 -12.18 29.65
C LYS A 6 -3.92 -11.02 28.68
N ASN A 7 -3.85 -11.32 27.39
CA ASN A 7 -3.79 -10.29 26.36
C ASN A 7 -5.11 -9.56 26.23
N PRO A 8 -5.08 -8.24 25.97
CA PRO A 8 -6.26 -7.53 25.52
C PRO A 8 -6.72 -8.15 24.20
N SER A 9 -8.04 -8.11 23.96
CA SER A 9 -8.66 -8.90 22.89
C SER A 9 -9.66 -8.05 22.12
N VAL A 10 -9.51 -8.02 20.79
CA VAL A 10 -10.48 -7.43 19.91
C VAL A 10 -11.79 -8.20 20.00
N ILE A 11 -11.73 -9.52 20.10
CA ILE A 11 -12.96 -10.31 20.20
C ILE A 11 -13.77 -9.98 21.46
N GLN A 12 -13.10 -9.86 22.60
CA GLN A 12 -13.76 -9.52 23.84
C GLN A 12 -14.33 -8.09 23.77
N PHE A 13 -13.63 -7.18 23.11
CA PHE A 13 -14.13 -5.83 22.93
C PHE A 13 -15.43 -5.87 22.15
N GLU A 14 -15.40 -6.58 21.01
CA GLU A 14 -16.56 -6.71 20.16
C GLU A 14 -17.71 -7.35 20.93
N LYS A 15 -17.41 -8.35 21.73
CA LYS A 15 -18.45 -9.07 22.45
C LYS A 15 -19.13 -8.15 23.47
N ALA A 16 -18.34 -7.35 24.18
CA ALA A 16 -18.88 -6.41 25.14
C ALA A 16 -19.78 -5.40 24.44
N ILE A 17 -19.36 -4.94 23.25
CA ILE A 17 -20.21 -4.00 22.52
C ILE A 17 -21.55 -4.63 22.16
N THR A 18 -21.50 -5.84 21.64
CA THR A 18 -22.71 -6.55 21.27
C THR A 18 -23.66 -6.66 22.45
N GLU A 19 -23.12 -6.97 23.63
CA GLU A 19 -23.91 -7.18 24.82
C GLU A 19 -24.32 -5.88 25.48
N LYS A 20 -23.87 -4.75 24.91
CA LYS A 20 -24.11 -3.43 25.46
C LYS A 20 -23.63 -3.39 26.91
N ASN A 21 -22.49 -4.06 27.16
CA ASN A 21 -21.78 -3.93 28.40
C ASN A 21 -20.72 -2.85 28.20
N TYR A 22 -21.12 -1.59 28.42
CA TYR A 22 -20.34 -0.44 28.00
C TYR A 22 -19.07 -0.33 28.84
N GLU A 23 -19.18 -0.67 30.14
CA GLU A 23 -18.04 -0.64 31.02
C GLU A 23 -16.98 -1.64 30.53
N ALA A 24 -17.40 -2.86 30.20
CA ALA A 24 -16.43 -3.86 29.78
C ALA A 24 -15.84 -3.48 28.40
N ALA A 25 -16.66 -2.87 27.55
CA ALA A 25 -16.19 -2.47 26.23
C ALA A 25 -15.14 -1.35 26.38
N CYS A 26 -15.42 -0.36 27.24
CA CYS A 26 -14.45 0.71 27.49
C CYS A 26 -13.17 0.20 28.10
N THR A 27 -13.30 -0.69 29.09
CA THR A 27 -12.15 -1.33 29.71
C THR A 27 -11.31 -2.08 28.67
N GLU A 28 -11.92 -2.89 27.80
CA GLU A 28 -11.14 -3.64 26.83
C GLU A 28 -10.44 -2.67 25.86
N LEU A 29 -11.14 -1.62 25.44
CA LEU A 29 -10.57 -0.67 24.47
C LEU A 29 -9.38 0.03 25.10
N LEU A 30 -9.51 0.48 26.36
CA LEU A 30 -8.39 1.09 27.05
C LEU A 30 -7.24 0.10 27.24
N ASP A 31 -7.52 -1.16 27.57
CA ASP A 31 -6.46 -2.13 27.71
C ASP A 31 -5.70 -2.33 26.37
N ILE A 32 -6.44 -2.37 25.25
CA ILE A 32 -5.82 -2.48 23.93
C ILE A 32 -4.94 -1.26 23.69
N LEU A 33 -5.48 -0.05 23.87
CA LEU A 33 -4.73 1.16 23.55
C LEU A 33 -3.53 1.33 24.48
N ASN A 34 -3.69 0.96 25.77
CA ASN A 34 -2.58 1.07 26.70
C ASN A 34 -1.45 0.12 26.35
N LYS A 35 -1.76 -1.09 25.86
CA LYS A 35 -0.71 -2.01 25.51
C LYS A 35 0.01 -1.54 24.22
N ILE A 36 -0.76 -1.04 23.27
CA ILE A 36 -0.14 -0.44 22.09
C ILE A 36 0.80 0.67 22.52
N ASP A 37 0.38 1.52 23.47
CA ASP A 37 1.19 2.61 23.95
C ASP A 37 2.51 2.08 24.51
N THR A 38 2.41 1.05 25.37
CA THR A 38 3.57 0.40 25.96
C THR A 38 4.52 -0.11 24.90
N ASN A 39 4.00 -0.61 23.79
CA ASN A 39 4.83 -1.15 22.72
C ASN A 39 5.00 -0.19 21.54
N PHE A 40 4.77 1.09 21.77
CA PHE A 40 5.09 2.15 20.82
C PHE A 40 4.48 1.91 19.44
N GLY A 41 3.26 1.34 19.42
CA GLY A 41 2.50 1.17 18.20
C GLY A 41 2.38 -0.27 17.72
N ASP A 42 3.26 -1.13 18.24
CA ASP A 42 3.28 -2.53 17.88
C ASP A 42 2.04 -3.22 18.47
N ILE A 43 1.44 -4.12 17.68
CA ILE A 43 0.22 -4.80 18.10
C ILE A 43 0.43 -6.29 18.43
N GLU A 44 1.69 -6.69 18.59
CA GLU A 44 1.93 -8.05 19.12
C GLU A 44 1.27 -8.19 20.50
N GLY A 45 0.68 -9.34 20.77
CA GLY A 45 0.12 -9.55 22.10
C GLY A 45 -1.25 -8.89 22.28
N ILE A 46 -1.88 -8.48 21.18
CA ILE A 46 -3.29 -8.12 21.19
C ILE A 46 -3.95 -9.24 20.42
N ASP A 47 -4.95 -9.89 21.00
CA ASP A 47 -5.58 -11.04 20.37
C ASP A 47 -6.63 -10.62 19.34
N PHE A 48 -6.59 -11.23 18.15
CA PHE A 48 -7.63 -11.18 17.15
C PHE A 48 -7.42 -12.28 16.12
N ASP A 49 -8.52 -12.75 15.52
CA ASP A 49 -8.48 -13.67 14.40
C ASP A 49 -8.40 -12.84 13.12
N TYR A 50 -7.92 -13.44 12.04
CA TYR A 50 -7.81 -12.72 10.78
C TYR A 50 -7.77 -13.76 9.66
N PRO A 51 -8.13 -13.38 8.42
CA PRO A 51 -8.02 -14.28 7.30
C PRO A 51 -6.58 -14.72 7.08
N GLN A 52 -6.40 -15.99 6.72
CA GLN A 52 -5.08 -16.61 6.66
C GLN A 52 -4.17 -15.94 5.64
N GLN A 53 -4.77 -15.28 4.63
CA GLN A 53 -3.99 -14.54 3.65
C GLN A 53 -3.08 -13.51 4.34
N LEU A 54 -3.43 -13.03 5.53
CA LEU A 54 -2.67 -11.96 6.14
C LEU A 54 -1.55 -12.48 7.07
N GLU A 55 -1.39 -13.80 7.16
CA GLU A 55 -0.41 -14.40 8.06
C GLU A 55 0.98 -13.82 7.82
N THR A 56 1.38 -13.63 6.55
CA THR A 56 2.73 -13.20 6.24
C THR A 56 2.78 -11.77 5.70
N LEU A 57 1.67 -11.02 5.77
CA LEU A 57 1.68 -9.67 5.24
C LEU A 57 1.46 -8.70 6.41
N MET A 58 2.55 -8.21 6.98
CA MET A 58 2.46 -7.48 8.24
C MET A 58 1.69 -6.16 8.07
N GLN A 59 2.00 -5.36 7.05
CA GLN A 59 1.34 -4.08 6.86
C GLN A 59 -0.17 -4.31 6.62
N ASP A 60 -0.50 -5.31 5.82
CA ASP A 60 -1.91 -5.60 5.50
C ASP A 60 -2.65 -6.05 6.76
N ARG A 61 -1.97 -6.83 7.62
CA ARG A 61 -2.57 -7.28 8.85
C ARG A 61 -2.81 -6.12 9.82
N ILE A 62 -1.85 -5.19 9.89
CA ILE A 62 -1.99 -3.98 10.69
C ILE A 62 -3.18 -3.15 10.23
N VAL A 63 -3.35 -2.97 8.91
CA VAL A 63 -4.48 -2.22 8.41
C VAL A 63 -5.79 -2.92 8.73
N TYR A 64 -5.84 -4.25 8.57
CA TYR A 64 -6.99 -5.04 8.95
C TYR A 64 -7.37 -4.80 10.42
N PHE A 65 -6.36 -4.85 11.29
CA PHE A 65 -6.57 -4.62 12.72
C PHE A 65 -7.15 -3.22 12.94
N CYS A 66 -6.55 -2.20 12.30
CA CYS A 66 -7.03 -0.83 12.52
C CYS A 66 -8.47 -0.69 12.03
N THR A 67 -8.79 -1.34 10.90
CA THR A 67 -10.12 -1.28 10.31
C THR A 67 -11.12 -1.94 11.26
N ARG A 68 -10.79 -3.13 11.72
CA ARG A 68 -11.68 -3.85 12.61
C ARG A 68 -11.92 -3.11 13.94
N MET A 69 -10.86 -2.54 14.49
CA MET A 69 -10.96 -1.74 15.71
C MET A 69 -11.79 -0.48 15.46
N SER A 70 -11.58 0.20 14.31
CA SER A 70 -12.36 1.38 13.93
C SER A 70 -13.83 1.04 13.87
N ASN A 71 -14.15 -0.14 13.32
CA ASN A 71 -15.55 -0.52 13.20
C ASN A 71 -16.19 -0.68 14.58
N ALA A 72 -15.44 -1.34 15.47
CA ALA A 72 -15.92 -1.57 16.82
C ALA A 72 -16.09 -0.26 17.59
N ILE A 73 -15.10 0.63 17.52
CA ILE A 73 -15.21 1.93 18.17
C ILE A 73 -16.42 2.69 17.62
N THR A 74 -16.67 2.58 16.30
CA THR A 74 -17.81 3.24 15.67
C THR A 74 -19.11 2.74 16.30
N GLN A 75 -19.23 1.42 16.42
CA GLN A 75 -20.43 0.80 16.93
C GLN A 75 -20.67 1.25 18.40
N LEU A 76 -19.61 1.32 19.19
CA LEU A 76 -19.70 1.74 20.58
C LEU A 76 -20.01 3.22 20.69
N PHE A 77 -19.23 4.09 20.03
CA PHE A 77 -19.38 5.51 20.29
C PHE A 77 -20.59 6.12 19.60
N CYS A 78 -21.15 5.47 18.57
CA CYS A 78 -22.39 5.94 17.97
C CYS A 78 -23.60 5.57 18.83
N ASP A 79 -23.45 4.63 19.77
CA ASP A 79 -24.56 4.17 20.57
C ASP A 79 -25.02 5.32 21.48
N PRO A 80 -26.23 5.87 21.32
CA PRO A 80 -26.67 6.97 22.19
C PRO A 80 -26.87 6.53 23.64
N GLN A 81 -26.96 5.21 23.91
CA GLN A 81 -27.07 4.76 25.30
C GLN A 81 -25.70 4.65 25.95
N PHE A 82 -24.64 4.79 25.15
CA PHE A 82 -23.30 4.72 25.70
C PHE A 82 -22.99 6.07 26.36
N SER A 83 -22.71 6.00 27.65
CA SER A 83 -22.42 7.14 28.50
C SER A 83 -20.96 7.03 28.91
N LEU A 84 -20.16 8.00 28.53
CA LEU A 84 -18.76 8.02 28.91
C LEU A 84 -18.57 8.84 30.19
N SER A 85 -17.90 8.27 31.20
CA SER A 85 -17.64 8.99 32.44
C SER A 85 -16.46 9.94 32.26
N GLU A 86 -16.30 10.85 33.22
CA GLU A 86 -15.24 11.83 33.16
C GLU A 86 -13.88 11.14 33.31
N SER A 87 -13.79 10.15 34.19
CA SER A 87 -12.53 9.44 34.36
C SER A 87 -12.26 8.60 33.11
N GLY A 88 -13.31 8.04 32.49
CA GLY A 88 -13.23 7.38 31.19
C GLY A 88 -12.69 8.33 30.12
N ALA A 89 -13.26 9.54 30.02
CA ALA A 89 -12.81 10.52 29.04
C ALA A 89 -11.35 10.89 29.30
N ASN A 90 -10.96 11.08 30.57
CA ASN A 90 -9.56 11.41 30.89
C ASN A 90 -8.64 10.30 30.39
N ARG A 91 -9.00 9.04 30.60
CA ARG A 91 -8.12 7.96 30.15
C ARG A 91 -8.04 7.91 28.63
N PHE A 92 -9.13 8.25 27.93
CA PHE A 92 -9.07 8.26 26.48
C PHE A 92 -8.19 9.41 25.97
N PHE A 93 -8.21 10.57 26.62
CA PHE A 93 -7.40 11.67 26.14
C PHE A 93 -5.92 11.30 26.24
N VAL A 94 -5.54 10.57 27.29
CA VAL A 94 -4.15 10.16 27.44
C VAL A 94 -3.73 9.30 26.25
N VAL A 95 -4.63 8.45 25.73
CA VAL A 95 -4.27 7.58 24.63
C VAL A 95 -4.88 8.02 23.30
N GLN A 96 -5.25 9.30 23.18
CA GLN A 96 -5.91 9.75 21.96
C GLN A 96 -4.98 9.55 20.77
N ARG A 97 -3.67 9.68 20.96
CA ARG A 97 -2.72 9.60 19.88
C ARG A 97 -2.76 8.20 19.26
N TRP A 98 -3.11 7.19 20.06
CA TRP A 98 -3.29 5.84 19.55
C TRP A 98 -4.65 5.63 18.92
N LEU A 99 -5.70 6.22 19.47
CA LEU A 99 -7.00 6.26 18.80
C LEU A 99 -6.90 6.85 17.40
N ASN A 100 -6.12 7.93 17.29
CA ASN A 100 -5.93 8.61 16.03
C ASN A 100 -5.43 7.60 15.02
N LEU A 101 -4.46 6.79 15.42
CA LEU A 101 -3.84 5.89 14.46
C LEU A 101 -4.75 4.72 14.11
N ILE A 102 -5.57 4.25 15.04
CA ILE A 102 -6.58 3.25 14.71
C ILE A 102 -7.40 3.73 13.49
N PHE A 103 -7.84 4.99 13.47
CA PHE A 103 -8.58 5.50 12.31
C PHE A 103 -7.67 5.89 11.15
N ALA A 104 -6.55 6.60 11.45
CA ALA A 104 -5.71 7.17 10.41
C ALA A 104 -4.93 6.12 9.63
N SER A 105 -4.65 4.95 10.23
CA SER A 105 -3.99 3.86 9.51
C SER A 105 -5.00 2.87 8.93
N SER A 106 -6.30 3.09 9.17
CA SER A 106 -7.33 2.35 8.46
C SER A 106 -7.64 3.14 7.20
N PRO A 107 -8.45 2.61 6.27
CA PRO A 107 -8.91 3.38 5.11
C PRO A 107 -9.82 4.56 5.45
N TYR A 108 -10.31 4.63 6.70
CA TYR A 108 -11.31 5.62 7.07
C TYR A 108 -10.74 7.01 7.34
N ILE A 109 -9.44 7.09 7.66
CA ILE A 109 -8.71 8.33 7.86
C ILE A 109 -8.96 8.93 9.25
N ASN A 110 -10.22 9.09 9.66
CA ASN A 110 -10.54 9.71 10.93
C ASN A 110 -11.89 9.18 11.41
N ALA A 111 -12.38 9.70 12.53
CA ALA A 111 -13.61 9.25 13.14
C ALA A 111 -14.74 10.26 12.88
N ASP A 112 -14.61 11.06 11.81
CA ASP A 112 -15.60 12.10 11.58
C ASP A 112 -16.99 11.50 11.33
N HIS A 113 -17.05 10.30 10.75
CA HIS A 113 -18.33 9.66 10.52
C HIS A 113 -19.08 9.39 11.83
N ILE A 114 -18.36 9.21 12.92
CA ILE A 114 -18.94 9.13 14.26
C ILE A 114 -19.39 10.50 14.72
N LEU A 115 -18.51 11.50 14.63
CA LEU A 115 -18.86 12.85 15.04
C LEU A 115 -20.16 13.31 14.36
N GLN A 116 -20.34 13.01 13.07
CA GLN A 116 -21.51 13.45 12.31
C GLN A 116 -22.82 12.94 12.96
N THR A 117 -22.79 11.77 13.59
CA THR A 117 -23.97 11.22 14.28
C THR A 117 -24.34 12.04 15.50
N TYR A 118 -23.43 12.90 15.98
CA TYR A 118 -23.73 13.73 17.13
C TYR A 118 -24.38 15.06 16.69
N ASN A 119 -24.49 15.34 15.40
CA ASN A 119 -24.98 16.66 14.99
C ASN A 119 -26.48 16.72 15.24
N CYS A 120 -26.96 17.77 15.92
CA CYS A 120 -28.38 17.86 16.21
C CYS A 120 -29.06 18.97 15.42
N ASN A 121 -28.30 19.72 14.62
CA ASN A 121 -28.83 20.87 13.90
C ASN A 121 -28.97 20.58 12.41
N PRO A 122 -30.19 20.29 11.90
CA PRO A 122 -30.37 20.05 10.47
C PRO A 122 -30.27 21.30 9.60
N GLU A 123 -30.20 22.49 10.23
CA GLU A 123 -30.15 23.76 9.51
C GLU A 123 -28.72 24.30 9.39
N ARG A 124 -27.71 23.46 9.62
CA ARG A 124 -26.36 23.98 9.63
C ARG A 124 -25.97 24.44 8.23
N ASP A 125 -25.03 25.38 8.19
CA ASP A 125 -24.56 25.97 6.96
C ASP A 125 -23.58 25.05 6.22
N SER A 126 -22.91 24.17 6.97
CA SER A 126 -21.82 23.38 6.45
C SER A 126 -21.86 22.00 7.09
N ILE A 127 -21.55 20.94 6.33
CA ILE A 127 -21.44 19.59 6.89
C ILE A 127 -20.23 19.54 7.83
N TYR A 128 -19.36 20.54 7.81
CA TYR A 128 -18.16 20.53 8.63
C TYR A 128 -18.48 21.04 10.04
N ASP A 129 -19.69 21.58 10.25
CA ASP A 129 -20.06 22.05 11.57
C ASP A 129 -20.87 20.97 12.26
N ILE A 130 -20.56 20.72 13.54
CA ILE A 130 -21.29 19.75 14.35
C ILE A 130 -21.87 20.49 15.54
N TYR A 131 -23.19 20.51 15.65
CA TYR A 131 -23.86 21.12 16.77
C TYR A 131 -24.29 20.03 17.74
N LEU A 132 -23.91 20.17 19.02
CA LEU A 132 -24.16 19.17 20.03
C LEU A 132 -25.38 19.57 20.88
N GLU A 133 -26.16 18.55 21.31
CA GLU A 133 -27.06 18.69 22.46
C GLU A 133 -26.26 19.15 23.66
N PRO A 134 -26.85 19.93 24.61
CA PRO A 134 -26.08 20.52 25.70
C PRO A 134 -25.91 19.60 26.91
N ASN A 135 -25.31 18.42 26.69
CA ASN A 135 -25.00 17.52 27.79
C ASN A 135 -23.53 17.14 27.70
N LYS A 136 -22.93 16.88 28.86
CA LYS A 136 -21.49 16.71 28.98
C LYS A 136 -21.08 15.40 28.29
N ASN A 137 -21.98 14.40 28.29
CA ASN A 137 -21.66 13.08 27.75
C ASN A 137 -21.27 13.19 26.28
N VAL A 138 -22.11 13.86 25.48
CA VAL A 138 -21.90 13.92 24.04
C VAL A 138 -20.71 14.85 23.78
N LEU A 139 -20.50 15.85 24.63
CA LEU A 139 -19.36 16.76 24.46
C LEU A 139 -18.06 15.99 24.66
N MET A 140 -18.03 15.10 25.68
CA MET A 140 -16.85 14.32 25.94
C MET A 140 -16.59 13.32 24.82
N LYS A 141 -17.63 12.67 24.29
CA LYS A 141 -17.44 11.70 23.21
C LYS A 141 -16.95 12.43 21.95
N PHE A 142 -17.52 13.61 21.70
CA PHE A 142 -17.09 14.45 20.60
C PHE A 142 -15.59 14.75 20.73
N ALA A 143 -15.18 15.19 21.91
CA ALA A 143 -13.82 15.66 22.12
C ALA A 143 -12.84 14.51 22.03
N VAL A 144 -13.20 13.35 22.58
CA VAL A 144 -12.32 12.20 22.53
C VAL A 144 -12.06 11.78 21.07
N LEU A 145 -13.06 11.91 20.22
CA LEU A 145 -12.96 11.50 18.83
C LEU A 145 -12.67 12.67 17.90
N TYR A 146 -12.35 13.85 18.45
CA TYR A 146 -11.86 14.94 17.63
C TYR A 146 -10.35 14.73 17.39
N LEU A 147 -10.03 13.93 16.36
CA LEU A 147 -8.69 13.38 16.24
C LEU A 147 -7.81 14.33 15.42
N PRO A 148 -6.48 14.19 15.53
CA PRO A 148 -5.56 14.96 14.69
C PRO A 148 -5.91 15.03 13.21
N GLU A 149 -6.46 13.95 12.65
CA GLU A 149 -6.79 13.89 11.22
C GLU A 149 -8.23 14.33 10.90
N SER A 150 -8.95 14.87 11.89
CA SER A 150 -10.34 15.28 11.72
C SER A 150 -10.45 16.46 10.74
N ASN A 151 -11.56 16.47 9.98
CA ASN A 151 -11.85 17.55 9.05
C ASN A 151 -12.98 18.43 9.58
N VAL A 152 -13.39 18.17 10.83
CA VAL A 152 -14.53 18.86 11.40
C VAL A 152 -14.08 20.22 11.94
N ASN A 153 -14.95 21.22 11.78
CA ASN A 153 -14.72 22.53 12.35
C ASN A 153 -14.78 22.46 13.87
N LEU A 154 -13.85 23.17 14.50
CA LEU A 154 -13.90 23.38 15.94
C LEU A 154 -13.34 24.75 16.23
N ASN A 155 -14.14 25.53 16.97
CA ASN A 155 -13.71 26.86 17.35
C ASN A 155 -13.30 26.80 18.81
N LEU A 156 -12.02 27.01 19.07
CA LEU A 156 -11.48 26.80 20.41
C LEU A 156 -12.09 27.73 21.45
N ASP A 157 -12.32 29.01 21.11
CA ASP A 157 -12.97 29.92 22.05
C ASP A 157 -14.36 29.35 22.43
N THR A 158 -15.09 28.76 21.49
CA THR A 158 -16.41 28.20 21.79
C THR A 158 -16.26 27.04 22.78
N MET A 159 -15.34 26.14 22.48
CA MET A 159 -15.14 24.97 23.33
C MET A 159 -14.70 25.38 24.74
N TRP A 160 -13.78 26.34 24.82
CA TRP A 160 -13.25 26.84 26.08
C TRP A 160 -14.38 27.37 26.98
N GLU A 161 -15.30 28.14 26.39
CA GLU A 161 -16.42 28.68 27.15
C GLU A 161 -17.36 27.56 27.58
N THR A 162 -17.50 26.51 26.75
CA THR A 162 -18.41 25.42 27.06
C THR A 162 -17.85 24.57 28.22
N ASP A 163 -16.58 24.18 28.17
CA ASP A 163 -16.00 23.39 29.24
C ASP A 163 -14.48 23.46 29.19
N LYS A 164 -13.90 24.15 30.15
CA LYS A 164 -12.47 24.44 30.10
C LYS A 164 -11.64 23.17 30.25
N ASN A 165 -12.03 22.27 31.15
CA ASN A 165 -11.24 21.06 31.37
C ASN A 165 -11.20 20.16 30.12
N ILE A 166 -12.34 20.02 29.45
CA ILE A 166 -12.42 19.18 28.27
C ILE A 166 -11.62 19.83 27.14
N CYS A 167 -11.77 21.17 27.01
CA CYS A 167 -11.03 21.89 26.00
C CYS A 167 -9.53 21.72 26.21
N GLY A 168 -9.10 21.90 27.46
CA GLY A 168 -7.69 21.81 27.77
C GLY A 168 -7.18 20.40 27.54
N SER A 169 -7.99 19.39 27.91
CA SER A 169 -7.62 18.00 27.73
C SER A 169 -7.45 17.67 26.25
N LEU A 170 -8.39 18.11 25.41
CA LEU A 170 -8.25 17.91 23.97
C LEU A 170 -6.97 18.59 23.46
N CYS A 171 -6.66 19.79 23.95
CA CYS A 171 -5.47 20.49 23.47
C CYS A 171 -4.21 19.71 23.85
N PHE A 172 -4.18 19.14 25.06
CA PHE A 172 -3.07 18.26 25.40
C PHE A 172 -2.98 17.10 24.42
N ALA A 173 -4.10 16.41 24.21
CA ALA A 173 -4.12 15.22 23.38
C ALA A 173 -3.58 15.53 21.98
N LEU A 174 -3.99 16.66 21.38
CA LEU A 174 -3.60 16.98 20.02
C LEU A 174 -2.12 17.38 19.91
N GLN A 175 -1.46 17.66 21.04
CA GLN A 175 -0.03 17.99 21.05
C GLN A 175 0.84 16.74 21.26
N SER A 176 0.22 15.63 21.66
CA SER A 176 0.92 14.49 22.25
C SER A 176 1.43 13.44 21.27
N PRO A 177 0.92 13.26 20.03
CA PRO A 177 1.50 12.26 19.15
C PRO A 177 2.99 12.54 18.86
N ARG A 178 3.71 11.46 18.55
CA ARG A 178 5.09 11.55 18.10
C ARG A 178 5.18 11.70 16.60
N PHE A 179 4.04 11.67 15.90
CA PHE A 179 3.95 12.05 14.50
C PHE A 179 2.78 13.01 14.33
N ILE A 180 3.11 14.27 14.07
CA ILE A 180 2.16 15.38 13.89
C ILE A 180 2.61 16.09 12.62
N GLY A 181 2.65 15.33 11.56
CA GLY A 181 3.26 15.79 10.33
C GLY A 181 2.30 16.22 9.25
N THR A 182 1.07 15.69 9.28
CA THR A 182 0.15 15.91 8.19
C THR A 182 -0.40 17.34 8.19
N PRO A 183 -0.90 17.88 7.07
CA PRO A 183 -1.50 19.22 7.08
C PRO A 183 -2.55 19.37 8.19
N ALA A 184 -3.41 18.37 8.35
CA ALA A 184 -4.51 18.47 9.33
C ALA A 184 -3.97 18.44 10.76
N ALA A 185 -3.06 17.53 11.09
CA ALA A 185 -2.56 17.39 12.45
C ALA A 185 -1.64 18.58 12.80
N PHE A 186 -0.76 18.93 11.87
CA PHE A 186 0.20 20.01 12.09
C PHE A 186 -0.50 21.36 12.23
N SER A 187 -1.58 21.54 11.46
CA SER A 187 -2.38 22.76 11.52
C SER A 187 -3.06 22.88 12.88
N LYS A 188 -3.68 21.81 13.36
CA LYS A 188 -4.26 21.86 14.71
C LYS A 188 -3.21 22.21 15.77
N ARG A 189 -2.08 21.52 15.75
CA ARG A 189 -1.06 21.73 16.75
C ARG A 189 -0.51 23.16 16.67
N SER A 190 -0.28 23.65 15.45
CA SER A 190 0.14 25.03 15.20
C SER A 190 -0.81 26.02 15.89
N THR A 191 -2.11 25.87 15.64
CA THR A 191 -3.11 26.77 16.18
C THR A 191 -3.06 26.70 17.71
N ILE A 192 -2.96 25.50 18.26
CA ILE A 192 -2.89 25.30 19.70
C ILE A 192 -1.69 25.99 20.31
N LEU A 193 -0.53 25.95 19.66
CA LEU A 193 0.65 26.57 20.24
C LEU A 193 0.49 28.09 20.31
N GLN A 194 -0.38 28.67 19.48
CA GLN A 194 -0.63 30.11 19.52
C GLN A 194 -1.75 30.45 20.52
N TRP A 195 -2.79 29.63 20.58
CA TRP A 195 -4.01 29.97 21.30
C TRP A 195 -3.95 29.48 22.75
N PHE A 196 -3.37 28.31 22.96
CA PHE A 196 -3.54 27.60 24.21
C PHE A 196 -2.71 28.15 25.36
N PRO A 197 -1.47 28.67 25.18
CA PRO A 197 -0.67 29.11 26.34
C PRO A 197 -1.40 30.06 27.30
N ALA A 198 -2.11 31.06 26.77
CA ALA A 198 -2.84 32.01 27.63
C ALA A 198 -4.00 31.34 28.39
N LYS A 199 -4.53 30.24 27.85
CA LYS A 199 -5.58 29.51 28.51
C LYS A 199 -4.99 28.54 29.53
N LEU A 200 -3.98 27.76 29.10
CA LEU A 200 -3.31 26.82 30.00
C LEU A 200 -2.82 27.48 31.27
N GLU A 201 -2.27 28.71 31.14
CA GLU A 201 -1.78 29.53 32.26
C GLU A 201 -2.80 29.65 33.37
N GLN A 202 -4.10 29.51 33.05
CA GLN A 202 -5.18 29.75 34.01
C GLN A 202 -5.42 28.53 34.89
N PHE A 203 -4.87 27.35 34.52
CA PHE A 203 -5.04 26.16 35.36
C PHE A 203 -4.13 26.28 36.59
N HIS A 204 -4.66 25.83 37.73
CA HIS A 204 -3.98 25.85 39.01
C HIS A 204 -3.44 24.47 39.36
N VAL A 205 -4.00 23.41 38.75
CA VAL A 205 -3.55 22.05 39.01
C VAL A 205 -3.63 21.28 37.69
N LEU A 206 -3.05 20.09 37.67
CA LEU A 206 -3.12 19.18 36.53
C LEU A 206 -4.23 18.14 36.72
N ASP A 207 -4.94 18.16 37.85
CA ASP A 207 -5.91 17.10 38.19
C ASP A 207 -6.93 16.79 37.09
N ASP A 208 -7.40 17.79 36.34
CA ASP A 208 -8.48 17.59 35.38
C ASP A 208 -7.95 17.55 33.94
N LEU A 209 -6.63 17.53 33.81
CA LEU A 209 -5.94 17.40 32.53
C LEU A 209 -5.31 16.02 32.43
N PRO A 210 -4.98 15.57 31.20
CA PRO A 210 -4.28 14.30 30.99
C PRO A 210 -2.79 14.38 31.32
N SER A 211 -2.54 14.22 32.61
CA SER A 211 -1.27 14.51 33.24
C SER A 211 -0.14 13.69 32.64
N ASN A 212 -0.45 12.44 32.31
CA ASN A 212 0.55 11.50 31.84
C ASN A 212 1.13 11.86 30.46
N ILE A 213 0.56 12.83 29.74
CA ILE A 213 1.15 13.24 28.46
C ILE A 213 1.68 14.67 28.53
N SER A 214 1.77 15.23 29.75
CA SER A 214 2.29 16.57 29.97
C SER A 214 3.69 16.75 29.41
N HIS A 215 4.54 15.73 29.59
CA HIS A 215 5.91 15.88 29.15
C HIS A 215 6.00 15.82 27.62
N ASP A 216 5.05 15.13 26.96
CA ASP A 216 4.96 15.16 25.50
C ASP A 216 4.57 16.57 25.01
N VAL A 217 3.63 17.24 25.71
CA VAL A 217 3.27 18.61 25.40
C VAL A 217 4.52 19.50 25.48
N TYR A 218 5.28 19.30 26.56
CA TYR A 218 6.48 20.07 26.83
C TYR A 218 7.52 19.94 25.72
N MET A 219 7.74 18.68 25.26
CA MET A 219 8.79 18.40 24.29
C MET A 219 8.39 18.73 22.86
N HIS A 220 7.15 18.39 22.50
CA HIS A 220 6.74 18.34 21.11
C HIS A 220 6.56 19.71 20.45
N CYS A 221 6.32 20.77 21.24
CA CYS A 221 6.17 22.10 20.67
C CYS A 221 7.43 22.48 19.89
N SER A 222 8.58 21.84 20.15
CA SER A 222 9.84 22.17 19.48
C SER A 222 9.85 21.79 17.99
N TYR A 223 8.93 20.92 17.55
CA TYR A 223 8.88 20.43 16.18
C TYR A 223 7.99 21.31 15.29
N ASP A 224 7.31 22.31 15.89
CA ASP A 224 6.58 23.30 15.11
C ASP A 224 7.56 24.32 14.50
N THR A 225 7.05 25.19 13.63
CA THR A 225 7.90 26.12 12.89
C THR A 225 7.82 27.55 13.41
N ALA A 226 6.82 27.87 14.22
CA ALA A 226 6.64 29.22 14.74
C ALA A 226 7.78 29.64 15.66
N GLU A 227 8.20 30.92 15.56
CA GLU A 227 9.30 31.39 16.37
C GLU A 227 9.00 31.27 17.87
N ASN A 228 7.73 31.51 18.25
CA ASN A 228 7.31 31.53 19.63
C ASN A 228 6.76 30.16 20.06
N LYS A 229 7.14 29.09 19.38
CA LYS A 229 6.56 27.78 19.59
C LYS A 229 6.74 27.30 21.02
N HIS A 230 7.79 27.72 21.74
CA HIS A 230 8.00 27.20 23.07
C HIS A 230 7.17 27.91 24.17
N ASN A 231 6.30 28.84 23.77
CA ASN A 231 5.53 29.59 24.77
C ASN A 231 4.69 28.69 25.67
N VAL A 232 4.16 27.58 25.11
CA VAL A 232 3.35 26.66 25.91
C VAL A 232 4.14 26.10 27.09
N LYS A 233 5.47 26.04 26.98
CA LYS A 233 6.27 25.51 28.07
C LYS A 233 6.23 26.45 29.29
N LYS A 234 6.24 27.77 29.03
CA LYS A 234 6.13 28.73 30.10
C LYS A 234 4.80 28.57 30.82
N ALA A 235 3.73 28.44 30.03
CA ALA A 235 2.41 28.20 30.59
C ALA A 235 2.35 26.91 31.41
N LEU A 236 2.90 25.81 30.87
CA LEU A 236 2.89 24.53 31.57
C LEU A 236 3.68 24.61 32.86
N ASN A 237 4.81 25.32 32.85
CA ASN A 237 5.59 25.48 34.06
C ASN A 237 4.79 26.20 35.15
N GLN A 238 3.99 27.21 34.77
CA GLN A 238 3.19 27.91 35.75
C GLN A 238 2.20 26.95 36.42
N VAL A 239 1.58 26.09 35.61
CA VAL A 239 0.60 25.14 36.12
C VAL A 239 1.31 24.16 37.05
N ILE A 240 2.47 23.67 36.62
CA ILE A 240 3.23 22.68 37.38
C ILE A 240 3.68 23.27 38.70
N ARG A 241 4.17 24.52 38.66
CA ARG A 241 4.60 25.19 39.88
C ARG A 241 3.42 25.31 40.87
N SER A 242 2.26 25.73 40.35
CA SER A 242 1.05 25.88 41.17
C SER A 242 0.65 24.54 41.76
N HIS A 243 0.65 23.51 40.91
CA HIS A 243 0.27 22.17 41.32
C HIS A 243 1.21 21.68 42.43
N LEU A 244 2.50 21.89 42.23
CA LEU A 244 3.50 21.46 43.21
C LEU A 244 3.28 22.16 44.56
N LEU A 245 3.08 23.48 44.53
CA LEU A 245 2.83 24.22 45.78
C LEU A 245 1.55 23.70 46.45
N LYS A 246 0.50 23.39 45.66
CA LYS A 246 -0.76 22.88 46.21
C LYS A 246 -0.64 21.47 46.76
N CYS A 247 0.51 20.81 46.55
CA CYS A 247 0.85 19.54 47.19
C CYS A 247 1.70 19.77 48.42
N GLY A 248 1.90 21.02 48.84
CA GLY A 248 2.60 21.33 50.08
C GLY A 248 4.10 21.55 49.94
N TRP A 249 4.58 21.64 48.68
CA TRP A 249 6.00 21.84 48.46
C TRP A 249 6.50 23.14 49.10
N GLN A 250 7.71 23.08 49.65
CA GLN A 250 8.45 24.27 50.01
C GLN A 250 9.87 24.19 49.45
N ASP A 251 10.30 25.28 48.80
CA ASP A 251 11.63 25.37 48.25
C ASP A 251 12.68 25.26 49.35
N ARG A 252 13.85 24.75 48.98
CA ARG A 252 14.95 24.69 49.92
C ARG A 252 15.49 26.10 50.15
N GLN A 253 15.84 26.40 51.40
CA GLN A 253 16.62 27.58 51.77
C GLN A 253 18.10 27.24 51.58
N ILE A 254 18.82 28.09 50.85
CA ILE A 254 20.25 27.93 50.63
C ILE A 254 20.97 28.73 51.73
N THR A 255 21.59 28.04 52.70
CA THR A 255 22.23 28.71 53.83
C THR A 255 23.71 28.35 53.90
N GLN A 256 24.15 27.28 53.23
CA GLN A 256 25.53 26.82 53.28
C GLN A 256 25.94 26.17 51.94
N ILE A 257 27.23 26.18 51.64
CA ILE A 257 27.76 25.39 50.53
C ILE A 257 28.58 24.25 51.11
N GLY A 258 28.01 23.03 51.05
CA GLY A 258 28.67 21.85 51.58
C GLY A 258 29.89 21.46 50.74
N MET A 259 30.85 20.75 51.38
CA MET A 259 32.06 20.28 50.72
C MET A 259 32.20 18.78 50.97
N ARG A 260 32.74 18.09 49.98
CA ARG A 260 33.11 16.69 50.11
C ARG A 260 34.44 16.51 49.37
N ASN A 261 35.43 15.92 50.05
CA ASN A 261 36.80 15.83 49.55
C ASN A 261 37.26 17.22 49.11
N GLY A 262 36.84 18.25 49.86
CA GLY A 262 37.23 19.62 49.65
C GLY A 262 36.60 20.27 48.41
N LYS A 263 35.57 19.63 47.84
CA LYS A 263 34.94 20.14 46.64
C LYS A 263 33.45 20.40 46.91
N PRO A 264 32.86 21.44 46.27
CA PRO A 264 31.42 21.66 46.35
C PRO A 264 30.70 20.49 45.66
N VAL A 265 29.41 20.33 45.98
CA VAL A 265 28.63 19.20 45.51
C VAL A 265 27.72 19.60 44.33
N MET A 266 27.82 18.79 43.27
CA MET A 266 26.91 18.86 42.14
C MET A 266 26.00 17.62 42.18
N VAL A 267 24.69 17.85 42.24
CA VAL A 267 23.75 16.75 42.10
C VAL A 267 23.29 16.73 40.65
N VAL A 268 23.42 15.55 40.00
CA VAL A 268 22.96 15.37 38.62
C VAL A 268 21.67 14.54 38.60
N VAL A 269 20.61 15.10 38.03
CA VAL A 269 19.34 14.40 37.94
C VAL A 269 19.14 13.95 36.50
N LEU A 270 18.98 12.63 36.32
CA LEU A 270 19.08 12.01 35.01
C LEU A 270 17.69 11.57 34.54
N GLU A 271 17.40 11.72 33.26
CA GLU A 271 16.21 11.11 32.67
C GLU A 271 16.55 9.76 32.05
N HIS A 272 17.39 9.77 31.02
CA HIS A 272 17.90 8.51 30.47
C HIS A 272 19.42 8.58 30.57
N PHE A 273 20.05 7.55 31.15
CA PHE A 273 21.50 7.60 31.16
C PHE A 273 22.16 6.25 31.02
N HIS A 274 21.45 5.29 30.44
CA HIS A 274 22.08 4.05 30.06
C HIS A 274 23.20 4.39 29.07
N SER A 275 24.30 3.64 29.09
CA SER A 275 25.44 3.95 28.26
C SER A 275 25.14 3.72 26.78
N SER A 276 24.03 3.05 26.47
CA SER A 276 23.62 2.88 25.08
C SER A 276 22.87 4.11 24.54
N HIS A 277 22.59 5.11 25.38
CA HIS A 277 21.78 6.24 24.96
C HIS A 277 22.65 7.39 24.45
N SER A 278 22.09 8.23 23.55
CA SER A 278 22.78 9.40 23.02
C SER A 278 23.30 10.29 24.13
N ILE A 279 22.49 10.48 25.18
CA ILE A 279 22.82 11.46 26.20
C ILE A 279 24.10 11.05 26.93
N TYR A 280 24.32 9.75 27.10
CA TYR A 280 25.59 9.29 27.65
C TYR A 280 26.72 9.62 26.67
N ARG A 281 26.47 9.39 25.38
CA ARG A 281 27.52 9.59 24.39
C ARG A 281 27.89 11.07 24.28
N THR A 282 26.91 11.95 24.45
CA THR A 282 27.15 13.37 24.21
C THR A 282 27.67 14.05 25.48
N HIS A 283 27.20 13.63 26.67
CA HIS A 283 27.32 14.44 27.86
C HIS A 283 28.14 13.80 28.98
N SER A 284 28.57 12.54 28.84
CA SER A 284 29.26 11.86 29.94
C SER A 284 30.70 12.36 30.14
N THR A 285 31.43 12.69 29.06
CA THR A 285 32.84 13.04 29.24
C THR A 285 33.00 14.35 30.02
N SER A 286 32.11 15.32 29.76
CA SER A 286 32.16 16.59 30.47
C SER A 286 31.75 16.43 31.93
N MET A 287 30.87 15.45 32.23
CA MET A 287 30.52 15.22 33.64
C MET A 287 31.71 14.61 34.40
N ILE A 288 32.32 13.58 33.82
CA ILE A 288 33.49 12.96 34.43
C ILE A 288 34.53 14.05 34.75
N ALA A 289 34.80 14.92 33.78
CA ALA A 289 35.84 15.93 33.90
C ALA A 289 35.49 16.97 34.98
N ALA A 290 34.18 17.22 35.21
CA ALA A 290 33.77 18.16 36.23
C ALA A 290 34.04 17.66 37.66
N ARG A 291 34.33 16.38 37.82
CA ARG A 291 34.71 15.86 39.13
C ARG A 291 36.03 16.46 39.63
N GLU A 292 36.82 17.04 38.73
CA GLU A 292 38.03 17.75 39.12
C GLU A 292 37.65 18.97 39.95
N GLN A 293 36.47 19.57 39.73
CA GLN A 293 36.08 20.74 40.51
C GLN A 293 34.97 20.43 41.52
N PHE A 294 34.09 19.45 41.22
CA PHE A 294 32.94 19.15 42.06
C PHE A 294 32.95 17.69 42.49
N TYR A 295 32.31 17.42 43.62
CA TYR A 295 31.91 16.07 43.97
C TYR A 295 30.53 15.81 43.35
N LEU A 296 30.43 14.74 42.51
CA LEU A 296 29.25 14.51 41.68
C LEU A 296 28.42 13.37 42.23
N ILE A 297 27.14 13.69 42.48
CA ILE A 297 26.17 12.70 42.90
C ILE A 297 25.12 12.52 41.80
N GLY A 298 25.01 11.32 41.24
CA GLY A 298 24.06 11.09 40.16
C GLY A 298 22.80 10.40 40.68
N LEU A 299 21.64 10.93 40.29
CA LEU A 299 20.35 10.34 40.64
C LEU A 299 19.67 9.92 39.33
N GLY A 300 19.41 8.61 39.21
CA GLY A 300 18.78 8.07 38.02
C GLY A 300 17.93 6.85 38.37
N ASN A 301 17.28 6.29 37.34
CA ASN A 301 16.41 5.14 37.52
C ASN A 301 17.24 3.86 37.58
N ASN A 302 16.56 2.75 37.87
CA ASN A 302 17.13 1.41 37.97
C ASN A 302 17.85 0.95 36.72
N ALA A 303 17.40 1.45 35.56
CA ALA A 303 17.85 0.97 34.27
C ALA A 303 19.24 1.49 33.92
N VAL A 304 19.78 2.46 34.66
CA VAL A 304 21.13 2.93 34.38
C VAL A 304 22.10 1.78 34.65
N ASP A 305 22.97 1.52 33.68
CA ASP A 305 23.96 0.45 33.76
C ASP A 305 25.20 0.97 34.46
N GLN A 306 26.15 0.07 34.70
CA GLN A 306 27.29 0.38 35.53
C GLN A 306 28.09 1.54 34.93
N ALA A 307 28.29 1.51 33.59
CA ALA A 307 29.10 2.53 32.92
C ALA A 307 28.47 3.89 33.13
N GLY A 308 27.12 3.93 33.08
CA GLY A 308 26.37 5.13 33.38
C GLY A 308 26.59 5.61 34.83
N ARG A 309 26.51 4.67 35.77
CA ARG A 309 26.62 5.00 37.18
C ARG A 309 28.03 5.50 37.53
N ASP A 310 29.01 4.90 36.86
CA ASP A 310 30.42 5.17 37.11
C ASP A 310 30.83 6.57 36.69
N VAL A 311 30.00 7.34 35.97
CA VAL A 311 30.45 8.67 35.61
C VAL A 311 30.43 9.55 36.87
N PHE A 312 29.73 9.10 37.93
CA PHE A 312 29.56 9.89 39.16
C PHE A 312 30.48 9.39 40.26
N ASP A 313 30.72 10.25 41.27
CA ASP A 313 31.41 9.84 42.48
C ASP A 313 30.51 8.88 43.26
N GLU A 314 29.20 9.16 43.30
CA GLU A 314 28.27 8.17 43.83
C GLU A 314 26.95 8.31 43.09
N PHE A 315 26.22 7.20 43.10
CA PHE A 315 24.97 7.08 42.36
C PHE A 315 23.86 6.59 43.29
N HIS A 316 22.67 7.15 43.12
CA HIS A 316 21.48 6.70 43.82
C HIS A 316 20.34 6.45 42.84
N GLU A 317 19.58 5.38 43.10
CA GLU A 317 18.38 5.08 42.33
C GLU A 317 17.20 5.92 42.81
N PHE A 318 16.37 6.38 41.88
CA PHE A 318 15.04 6.89 42.19
C PHE A 318 14.02 5.75 42.30
N ASP A 319 13.55 5.51 43.52
CA ASP A 319 12.59 4.45 43.82
C ASP A 319 11.16 4.83 43.41
N GLY A 320 10.73 4.33 42.24
CA GLY A 320 9.33 4.27 41.84
C GLY A 320 8.92 5.39 40.87
N SER A 321 7.60 5.58 40.74
CA SER A 321 7.02 6.53 39.80
C SER A 321 6.44 7.80 40.47
N ASN A 322 6.34 7.84 41.81
CA ASN A 322 5.73 8.97 42.52
C ASN A 322 6.62 10.22 42.48
N ILE A 323 6.10 11.30 41.92
CA ILE A 323 6.89 12.50 41.68
C ILE A 323 7.22 13.22 43.01
N LEU A 324 6.22 13.37 43.89
CA LEU A 324 6.46 13.95 45.20
C LEU A 324 7.58 13.22 45.95
N LYS A 325 7.64 11.89 45.92
CA LYS A 325 8.70 11.16 46.59
C LYS A 325 10.05 11.42 45.94
N LYS A 326 10.07 11.58 44.61
CA LYS A 326 11.32 11.90 43.93
C LYS A 326 11.83 13.28 44.37
N LEU A 327 10.95 14.30 44.40
CA LEU A 327 11.39 15.64 44.73
C LEU A 327 11.81 15.69 46.20
N ALA A 328 11.13 14.90 47.05
CA ALA A 328 11.47 14.83 48.47
C ALA A 328 12.85 14.21 48.65
N PHE A 329 13.12 13.14 47.88
CA PHE A 329 14.41 12.45 47.94
C PHE A 329 15.49 13.41 47.44
N LEU A 330 15.22 14.09 46.33
CA LEU A 330 16.18 15.07 45.82
C LEU A 330 16.40 16.20 46.82
N LYS A 331 15.32 16.71 47.42
CA LYS A 331 15.42 17.78 48.41
C LYS A 331 16.33 17.37 49.58
N GLU A 332 16.16 16.12 50.06
CA GLU A 332 16.92 15.62 51.20
C GLU A 332 18.38 15.43 50.81
N MET A 333 18.63 15.00 49.57
CA MET A 333 19.98 14.82 49.07
C MET A 333 20.67 16.19 48.97
N CYS A 334 19.96 17.23 48.50
CA CYS A 334 20.54 18.55 48.42
C CYS A 334 20.74 19.20 49.81
N GLU A 335 19.81 18.93 50.74
CA GLU A 335 19.87 19.42 52.11
C GLU A 335 21.05 18.79 52.86
N LYS A 336 21.15 17.46 52.79
CA LYS A 336 22.22 16.72 53.45
C LYS A 336 23.60 17.18 52.98
N ASN A 337 23.74 17.48 51.68
CA ASN A 337 25.05 17.80 51.13
C ASN A 337 25.22 19.31 50.96
N ASP A 338 24.20 20.10 51.29
CA ASP A 338 24.18 21.53 51.02
C ASP A 338 24.68 21.77 49.59
N ALA A 339 24.00 21.14 48.62
CA ALA A 339 24.45 21.07 47.24
C ALA A 339 24.63 22.46 46.67
N ALA A 340 25.65 22.61 45.82
CA ALA A 340 25.94 23.88 45.16
C ALA A 340 25.27 23.95 43.78
N VAL A 341 25.32 22.86 43.03
CA VAL A 341 24.82 22.87 41.65
C VAL A 341 23.88 21.69 41.45
N LEU A 342 22.73 22.00 40.82
CA LEU A 342 21.82 20.97 40.29
C LEU A 342 21.93 21.00 38.77
N TYR A 343 22.27 19.84 38.19
CA TYR A 343 22.46 19.71 36.75
C TYR A 343 21.53 18.63 36.18
N MET A 344 20.80 18.99 35.11
CA MET A 344 20.00 18.04 34.38
C MET A 344 20.45 18.04 32.92
N PRO A 345 21.18 17.01 32.46
CA PRO A 345 21.66 17.02 31.07
C PRO A 345 20.52 17.00 30.04
N SER A 346 19.37 16.45 30.43
CA SER A 346 18.18 16.56 29.60
C SER A 346 16.97 16.87 30.45
N ILE A 347 16.07 17.68 29.90
CA ILE A 347 14.82 17.90 30.58
C ILE A 347 13.69 17.78 29.58
N GLY A 348 12.70 16.95 29.92
CA GLY A 348 11.51 16.82 29.10
C GLY A 348 11.07 15.38 28.89
N MET A 349 12.00 14.43 28.97
CA MET A 349 11.65 13.05 28.72
C MET A 349 10.89 12.45 29.90
N ASP A 350 10.94 13.11 31.07
CA ASP A 350 10.21 12.63 32.24
C ASP A 350 9.53 13.81 32.92
N LEU A 351 8.24 13.65 33.27
CA LEU A 351 7.49 14.70 33.96
C LEU A 351 8.14 15.10 35.28
N ALA A 352 8.69 14.11 36.02
CA ALA A 352 9.36 14.38 37.27
C ALA A 352 10.44 15.45 37.11
N THR A 353 11.26 15.36 36.04
CA THR A 353 12.32 16.32 35.81
C THR A 353 11.75 17.72 35.57
N ILE A 354 10.58 17.80 34.92
CA ILE A 354 9.97 19.09 34.68
C ILE A 354 9.54 19.69 36.03
N PHE A 355 8.94 18.86 36.90
CA PHE A 355 8.65 19.35 38.26
C PHE A 355 9.91 19.89 38.95
N VAL A 356 11.01 19.14 38.87
CA VAL A 356 12.28 19.52 39.48
C VAL A 356 12.71 20.90 39.01
N SER A 357 12.61 21.14 37.69
CA SER A 357 13.01 22.41 37.10
C SER A 357 12.14 23.58 37.57
N ASN A 358 11.01 23.30 38.24
CA ASN A 358 10.13 24.34 38.74
C ASN A 358 10.20 24.48 40.25
N ALA A 359 11.36 24.14 40.85
CA ALA A 359 11.54 24.29 42.29
C ALA A 359 13.02 24.55 42.59
N ARG A 360 13.29 25.01 43.82
CA ARG A 360 14.64 25.45 44.20
C ARG A 360 15.31 24.42 45.10
N PHE A 361 16.45 23.89 44.64
CA PHE A 361 17.21 22.87 45.34
C PHE A 361 18.64 23.31 45.62
N ALA A 362 19.22 24.10 44.70
CA ALA A 362 20.62 24.49 44.77
C ALA A 362 20.71 25.89 44.20
N PRO A 363 21.71 26.72 44.61
CA PRO A 363 21.77 28.10 44.16
C PRO A 363 22.04 28.27 42.68
N ILE A 364 22.70 27.28 42.09
CA ILE A 364 22.93 27.24 40.65
C ILE A 364 22.19 26.03 40.06
N GLN A 365 21.21 26.28 39.18
CA GLN A 365 20.51 25.15 38.53
C GLN A 365 20.71 25.28 37.03
N VAL A 366 21.08 24.15 36.41
CA VAL A 366 21.65 24.11 35.06
C VAL A 366 21.05 22.96 34.29
N ILE A 367 20.74 23.19 32.99
CA ILE A 367 20.38 22.09 32.11
C ILE A 367 21.39 22.03 30.98
N ALA A 368 21.43 20.85 30.34
CA ALA A 368 22.03 20.76 29.01
C ALA A 368 20.93 20.42 28.01
N LEU A 369 21.32 20.21 26.75
CA LEU A 369 20.31 20.20 25.70
C LEU A 369 20.08 18.79 25.11
N GLY A 370 20.08 17.77 25.98
CA GLY A 370 19.62 16.43 25.61
C GLY A 370 18.27 16.47 24.87
N HIS A 371 17.34 17.32 25.32
CA HIS A 371 16.26 17.79 24.48
C HIS A 371 16.55 19.27 24.19
N PRO A 372 16.88 19.64 22.94
CA PRO A 372 17.41 20.98 22.65
C PRO A 372 16.38 22.10 22.54
N ALA A 373 15.92 22.57 23.71
CA ALA A 373 14.93 23.63 23.79
C ALA A 373 14.99 24.27 25.18
N THR A 374 14.69 25.56 25.22
CA THR A 374 14.62 26.32 26.46
C THR A 374 13.55 25.74 27.38
N THR A 375 13.76 25.89 28.69
CA THR A 375 12.74 25.50 29.66
C THR A 375 11.66 26.55 29.87
N HIS A 376 12.00 27.84 29.73
CA HIS A 376 11.17 28.95 30.20
C HIS A 376 10.89 28.87 31.70
N SER A 377 11.77 28.19 32.45
CA SER A 377 11.60 28.10 33.89
C SER A 377 12.35 29.23 34.59
N GLU A 378 11.69 29.85 35.59
CA GLU A 378 12.31 30.83 36.47
C GLU A 378 13.38 30.21 37.38
N PHE A 379 13.38 28.87 37.54
CA PHE A 379 14.29 28.21 38.48
C PHE A 379 15.52 27.62 37.80
N ILE A 380 15.69 27.86 36.48
CA ILE A 380 16.89 27.39 35.80
C ILE A 380 17.70 28.61 35.39
N GLU A 381 18.94 28.67 35.92
CA GLU A 381 19.81 29.81 35.66
C GLU A 381 20.52 29.67 34.30
N TYR A 382 21.04 28.48 34.02
CA TYR A 382 22.00 28.30 32.95
C TYR A 382 21.64 27.12 32.03
N VAL A 383 22.08 27.27 30.77
CA VAL A 383 22.09 26.17 29.82
C VAL A 383 23.53 25.93 29.34
N ILE A 384 23.98 24.67 29.41
CA ILE A 384 25.27 24.27 28.87
C ILE A 384 25.11 23.92 27.40
N VAL A 385 25.88 24.60 26.51
CA VAL A 385 25.84 24.28 25.09
C VAL A 385 27.17 24.63 24.42
N GLU A 386 27.49 23.87 23.39
CA GLU A 386 28.65 24.12 22.55
C GLU A 386 28.44 25.42 21.79
N ASP A 387 29.46 26.27 21.78
CA ASP A 387 29.40 27.57 21.14
C ASP A 387 28.94 27.47 19.68
N ASP A 388 29.38 26.42 18.94
CA ASP A 388 29.14 26.35 17.50
C ASP A 388 27.74 25.79 17.18
N TYR A 389 26.98 25.43 18.21
CA TYR A 389 25.62 24.92 18.04
C TYR A 389 24.57 25.99 18.31
N VAL A 390 25.01 27.19 18.71
CA VAL A 390 24.08 28.23 19.12
C VAL A 390 23.79 29.12 17.92
N GLY A 391 22.50 29.43 17.72
CA GLY A 391 22.07 30.40 16.73
C GLY A 391 21.87 31.75 17.39
N SER A 392 20.63 32.03 17.87
CA SER A 392 20.33 33.24 18.63
C SER A 392 20.21 32.89 20.11
N GLU A 393 20.76 33.74 20.97
CA GLU A 393 20.61 33.54 22.41
C GLU A 393 19.20 33.88 22.87
N SER A 394 18.46 34.64 22.03
CA SER A 394 17.12 35.07 22.38
C SER A 394 16.14 33.89 22.37
N CYS A 395 16.55 32.73 21.84
CA CYS A 395 15.71 31.54 21.84
C CYS A 395 15.61 30.94 23.24
N PHE A 396 16.48 31.34 24.17
CA PHE A 396 16.51 30.76 25.49
C PHE A 396 16.17 31.81 26.55
N SER A 397 15.39 31.39 27.55
CA SER A 397 15.08 32.23 28.70
C SER A 397 16.27 32.25 29.68
N GLU A 398 17.05 31.16 29.66
CA GLU A 398 18.21 30.99 30.51
C GLU A 398 19.42 31.74 29.97
N THR A 399 20.47 31.86 30.80
CA THR A 399 21.76 32.35 30.35
C THR A 399 22.58 31.20 29.79
N LEU A 400 23.03 31.33 28.53
CA LEU A 400 23.78 30.26 27.88
C LEU A 400 25.24 30.32 28.33
N LEU A 401 25.74 29.16 28.74
CA LEU A 401 27.16 28.97 28.99
C LEU A 401 27.73 28.29 27.77
N ARG A 402 28.29 29.13 26.89
CA ARG A 402 28.70 28.72 25.57
C ARG A 402 30.12 28.18 25.69
N LEU A 403 30.26 26.86 25.68
CA LEU A 403 31.56 26.23 25.87
C LEU A 403 32.28 26.14 24.54
N PRO A 404 33.63 25.96 24.53
CA PRO A 404 34.34 25.63 23.29
C PRO A 404 33.78 24.42 22.53
N LYS A 405 33.94 24.48 21.20
CA LYS A 405 33.33 23.55 20.27
C LYS A 405 33.84 22.13 20.52
N ASP A 406 34.99 21.99 21.22
CA ASP A 406 35.48 20.68 21.59
C ASP A 406 35.29 20.35 23.08
N ALA A 407 34.40 21.04 23.79
CA ALA A 407 34.31 20.85 25.25
C ALA A 407 33.44 19.66 25.66
N LEU A 408 32.67 19.09 24.73
CA LEU A 408 31.83 17.93 25.02
C LEU A 408 32.22 16.84 24.05
N PRO A 409 33.41 16.23 24.19
CA PRO A 409 33.84 15.16 23.28
C PRO A 409 32.86 14.00 23.42
N TYR A 410 32.45 13.43 22.27
CA TYR A 410 31.47 12.36 22.21
C TYR A 410 32.16 11.02 22.47
N VAL A 411 31.43 10.07 23.05
CA VAL A 411 31.95 8.72 23.12
C VAL A 411 31.28 7.91 22.01
N PRO A 412 32.08 7.19 21.19
CA PRO A 412 31.53 6.36 20.13
C PRO A 412 30.58 5.29 20.65
N SER A 413 29.50 5.04 19.90
CA SER A 413 28.65 3.88 20.12
C SER A 413 29.46 2.60 19.92
N SER A 414 29.24 1.60 20.79
CA SER A 414 29.87 0.30 20.66
C SER A 414 29.27 -0.50 19.51
N LEU A 415 28.10 -0.09 18.99
CA LEU A 415 27.46 -0.74 17.86
C LEU A 415 27.91 -0.13 16.52
N ALA A 416 28.85 0.82 16.57
CA ALA A 416 29.37 1.46 15.37
C ALA A 416 29.99 0.42 14.42
N PRO A 417 29.70 0.48 13.10
CA PRO A 417 30.16 -0.53 12.16
C PRO A 417 31.67 -0.43 11.94
N THR A 418 32.32 -1.59 11.81
CA THR A 418 33.76 -1.69 11.71
C THR A 418 34.20 -1.99 10.26
N ASP A 419 33.32 -2.52 9.41
CA ASP A 419 33.67 -2.81 8.03
C ASP A 419 32.63 -2.20 7.10
N VAL A 420 32.51 -0.86 7.14
CA VAL A 420 31.52 -0.20 6.32
C VAL A 420 31.74 -0.54 4.85
N GLN A 421 30.64 -0.80 4.12
CA GLN A 421 30.63 -0.94 2.68
C GLN A 421 30.12 0.36 2.05
N TYR A 422 30.66 0.66 0.85
CA TYR A 422 30.38 1.89 0.11
C TYR A 422 29.90 1.59 -1.32
N VAL A 423 28.82 2.24 -1.71
CA VAL A 423 28.35 2.22 -3.08
C VAL A 423 28.47 3.65 -3.58
N LEU A 424 29.47 3.91 -4.45
CA LEU A 424 29.60 5.22 -5.08
C LEU A 424 29.26 5.06 -6.56
N ARG A 425 28.02 5.40 -6.90
CA ARG A 425 27.57 5.28 -8.27
C ARG A 425 27.99 6.53 -9.01
N GLU A 426 28.66 6.32 -10.16
CA GLU A 426 29.19 7.42 -10.95
C GLU A 426 28.09 8.24 -11.61
N THR A 427 27.11 7.59 -12.23
CA THR A 427 26.10 8.34 -12.99
C THR A 427 24.79 7.62 -12.81
N PRO A 428 24.20 7.64 -11.60
CA PRO A 428 22.99 6.87 -11.34
C PRO A 428 21.85 7.39 -12.18
N GLU A 429 21.04 6.46 -12.70
CA GLU A 429 19.86 6.87 -13.45
C GLU A 429 18.81 7.53 -12.55
N VAL A 430 18.75 7.10 -11.28
CA VAL A 430 17.86 7.72 -10.29
C VAL A 430 18.76 8.05 -9.10
N VAL A 431 18.74 9.30 -8.64
CA VAL A 431 19.46 9.67 -7.43
C VAL A 431 18.61 9.28 -6.23
N ASN A 432 19.11 8.32 -5.44
CA ASN A 432 18.44 7.87 -4.22
C ASN A 432 18.86 8.81 -3.08
N ILE A 433 17.87 9.44 -2.45
CA ILE A 433 18.10 10.40 -1.41
C ILE A 433 17.57 9.87 -0.08
N GLY A 434 18.46 9.69 0.87
CA GLY A 434 18.09 9.17 2.18
C GLY A 434 17.70 10.29 3.12
N ILE A 435 16.67 10.01 3.93
CA ILE A 435 16.25 10.94 4.97
C ILE A 435 16.13 10.13 6.25
N ALA A 436 17.02 10.39 7.19
CA ALA A 436 17.05 9.76 8.49
C ALA A 436 16.39 10.75 9.44
N ALA A 437 15.18 10.41 9.84
CA ALA A 437 14.44 11.30 10.72
C ALA A 437 13.41 10.51 11.51
N THR A 438 13.32 10.83 12.81
CA THR A 438 12.19 10.45 13.62
C THR A 438 10.95 11.12 13.02
N THR A 439 9.80 10.49 13.24
CA THR A 439 8.56 11.02 12.75
C THR A 439 8.26 12.42 13.27
N MET A 440 8.75 12.76 14.46
CA MET A 440 8.46 14.08 15.05
C MET A 440 8.99 15.20 14.15
N LYS A 441 10.05 14.89 13.39
CA LYS A 441 10.75 15.88 12.56
C LYS A 441 10.09 16.11 11.20
N LEU A 442 9.07 15.31 10.85
CA LEU A 442 8.34 15.48 9.61
C LEU A 442 7.24 16.51 9.77
N ASN A 443 6.98 17.24 8.67
CA ASN A 443 5.96 18.27 8.69
C ASN A 443 5.66 18.71 7.25
N PRO A 444 4.58 19.47 7.02
CA PRO A 444 4.22 19.87 5.66
C PRO A 444 5.23 20.72 4.92
N TYR A 445 5.97 21.55 5.67
CA TYR A 445 6.97 22.40 5.02
C TYR A 445 8.07 21.54 4.43
N PHE A 446 8.58 20.63 5.24
CA PHE A 446 9.64 19.72 4.82
C PHE A 446 9.19 18.90 3.63
N LEU A 447 8.00 18.26 3.72
CA LEU A 447 7.53 17.43 2.62
C LEU A 447 7.29 18.24 1.34
N GLU A 448 6.71 19.44 1.47
CA GLU A 448 6.49 20.27 0.28
C GLU A 448 7.81 20.64 -0.39
N THR A 449 8.85 20.83 0.44
CA THR A 449 10.20 21.12 0.00
C THR A 449 10.75 19.96 -0.82
N LEU A 450 10.58 18.73 -0.32
CA LEU A 450 11.04 17.58 -1.05
C LEU A 450 10.31 17.47 -2.39
N LYS A 451 9.00 17.75 -2.38
CA LYS A 451 8.21 17.65 -3.60
C LYS A 451 8.76 18.64 -4.64
N THR A 452 9.11 19.83 -4.18
CA THR A 452 9.66 20.85 -5.08
C THR A 452 11.01 20.41 -5.65
N ILE A 453 11.86 19.82 -4.83
CA ILE A 453 13.15 19.33 -5.29
C ILE A 453 12.91 18.30 -6.39
N ARG A 454 11.93 17.41 -6.17
CA ARG A 454 11.64 16.37 -7.15
C ARG A 454 11.17 17.02 -8.45
N ASP A 455 10.28 18.01 -8.32
CA ASP A 455 9.59 18.56 -9.47
C ASP A 455 10.55 19.43 -10.28
N ARG A 456 11.60 19.99 -9.65
CA ARG A 456 12.48 20.93 -10.33
C ARG A 456 13.78 20.28 -10.79
N ALA A 457 14.18 19.17 -10.17
CA ALA A 457 15.48 18.59 -10.47
C ALA A 457 15.49 18.09 -11.91
N LYS A 458 16.64 18.19 -12.59
CA LYS A 458 16.74 17.69 -13.95
C LYS A 458 17.18 16.24 -13.96
N VAL A 459 17.40 15.65 -12.78
CA VAL A 459 17.64 14.23 -12.65
C VAL A 459 16.42 13.62 -11.97
N LYS A 460 16.24 12.31 -12.18
CA LYS A 460 15.21 11.57 -11.47
C LYS A 460 15.70 11.33 -10.05
N VAL A 461 14.79 11.42 -9.07
CA VAL A 461 15.16 11.19 -7.68
C VAL A 461 14.18 10.20 -7.07
N HIS A 462 14.59 9.55 -5.99
CA HIS A 462 13.70 8.76 -5.16
C HIS A 462 14.10 8.94 -3.69
N PHE A 463 13.12 9.21 -2.83
CA PHE A 463 13.38 9.49 -1.43
C PHE A 463 13.19 8.24 -0.58
N HIS A 464 14.24 7.86 0.17
CA HIS A 464 14.11 6.74 1.10
C HIS A 464 14.03 7.29 2.53
N PHE A 465 12.90 7.16 3.19
CA PHE A 465 12.74 7.67 4.54
C PHE A 465 12.97 6.53 5.53
N ALA A 466 14.00 6.68 6.37
CA ALA A 466 14.29 5.78 7.47
C ALA A 466 13.67 6.34 8.73
N LEU A 467 12.46 5.84 9.08
CA LEU A 467 11.57 6.58 9.99
C LEU A 467 11.61 6.04 11.42
N GLY A 468 12.43 6.64 12.26
CA GLY A 468 12.42 6.39 13.70
C GLY A 468 11.04 6.66 14.27
N GLN A 469 10.56 5.74 15.11
CA GLN A 469 9.26 5.84 15.79
C GLN A 469 8.10 5.47 14.88
N SER A 470 8.33 5.11 13.61
CA SER A 470 7.25 4.63 12.76
C SER A 470 7.16 3.12 12.95
N ILE A 471 6.36 2.74 13.94
CA ILE A 471 6.29 1.38 14.45
C ILE A 471 4.82 0.95 14.43
N GLY A 472 4.56 -0.28 13.98
CA GLY A 472 3.24 -0.87 14.11
C GLY A 472 2.15 -0.02 13.46
N ILE A 473 1.12 0.36 14.24
CA ILE A 473 -0.03 1.04 13.68
C ILE A 473 0.28 2.49 13.29
N THR A 474 1.49 2.99 13.59
CA THR A 474 1.88 4.30 13.14
C THR A 474 2.13 4.31 11.63
N HIS A 475 2.67 3.21 11.09
CA HIS A 475 3.29 3.22 9.77
C HIS A 475 2.37 3.51 8.60
N PRO A 476 1.21 2.84 8.41
CA PRO A 476 0.37 3.13 7.24
C PRO A 476 0.07 4.60 7.10
N TYR A 477 -0.23 5.27 8.22
CA TYR A 477 -0.55 6.69 8.24
C TYR A 477 0.64 7.52 7.73
N VAL A 478 1.84 7.21 8.24
CA VAL A 478 3.04 7.92 7.85
C VAL A 478 3.33 7.68 6.36
N ALA A 479 3.20 6.45 5.91
CA ALA A 479 3.41 6.10 4.51
C ALA A 479 2.45 6.85 3.60
N ARG A 480 1.17 6.90 3.99
CA ARG A 480 0.18 7.62 3.20
C ARG A 480 0.50 9.11 3.11
N PHE A 481 0.89 9.69 4.24
CA PHE A 481 1.36 11.08 4.29
C PHE A 481 2.46 11.31 3.26
N ILE A 482 3.47 10.44 3.26
CA ILE A 482 4.59 10.61 2.34
C ILE A 482 4.11 10.48 0.91
N ARG A 483 3.27 9.48 0.65
CA ARG A 483 2.70 9.26 -0.67
C ARG A 483 1.89 10.48 -1.14
N SER A 484 1.25 11.19 -0.22
CA SER A 484 0.39 12.28 -0.62
C SER A 484 1.22 13.41 -1.24
N TYR A 485 2.50 13.51 -0.89
CA TYR A 485 3.39 14.51 -1.48
C TYR A 485 4.22 13.94 -2.63
N LEU A 486 4.73 12.74 -2.47
CA LEU A 486 5.78 12.22 -3.32
C LEU A 486 5.37 11.03 -4.18
N GLY A 487 4.13 10.54 -4.05
CA GLY A 487 3.65 9.43 -4.86
C GLY A 487 4.60 8.23 -4.87
N ASP A 488 4.93 7.77 -6.08
CA ASP A 488 5.77 6.59 -6.23
C ASP A 488 7.26 6.98 -6.13
N ASP A 489 7.58 8.25 -5.87
CA ASP A 489 8.96 8.68 -5.82
C ASP A 489 9.51 8.69 -4.39
N ALA A 490 8.87 7.97 -3.47
CA ALA A 490 9.41 7.83 -2.14
C ALA A 490 9.03 6.47 -1.57
N THR A 491 9.86 5.99 -0.65
CA THR A 491 9.65 4.76 0.09
C THR A 491 9.74 5.07 1.58
N ALA A 492 8.72 4.64 2.34
CA ALA A 492 8.67 4.89 3.76
C ALA A 492 9.07 3.63 4.50
N HIS A 493 10.29 3.62 5.05
CA HIS A 493 10.78 2.44 5.75
C HIS A 493 10.39 2.52 7.22
N PRO A 494 9.68 1.50 7.79
CA PRO A 494 9.44 1.48 9.23
C PRO A 494 10.73 1.46 10.05
N HIS A 495 10.62 1.88 11.31
CA HIS A 495 11.69 1.82 12.28
C HIS A 495 12.29 0.42 12.22
N SER A 496 13.62 0.35 12.14
CA SER A 496 14.26 -0.92 11.86
C SER A 496 15.47 -1.07 12.79
N PRO A 497 15.99 -2.30 12.96
CA PRO A 497 17.24 -2.51 13.69
C PRO A 497 18.35 -1.71 13.01
N TYR A 498 19.37 -1.36 13.78
CA TYR A 498 20.44 -0.47 13.33
C TYR A 498 21.09 -0.94 12.03
N ASN A 499 21.36 -2.24 11.90
CA ASN A 499 22.07 -2.74 10.72
C ASN A 499 21.23 -2.59 9.45
N ARG A 500 19.92 -2.87 9.55
CA ARG A 500 18.99 -2.67 8.44
C ARG A 500 18.92 -1.18 8.04
N TYR A 501 18.83 -0.33 9.05
CA TYR A 501 18.79 1.12 8.89
C TYR A 501 20.02 1.61 8.15
N LEU A 502 21.22 1.14 8.52
CA LEU A 502 22.44 1.51 7.80
C LEU A 502 22.43 0.96 6.38
N ASP A 503 21.87 -0.24 6.14
CA ASP A 503 21.79 -0.81 4.80
C ASP A 503 20.93 0.08 3.91
N ILE A 504 19.81 0.58 4.45
CA ILE A 504 18.90 1.46 3.71
C ILE A 504 19.68 2.71 3.28
N LEU A 505 20.35 3.35 4.24
CA LEU A 505 21.02 4.60 3.94
C LEU A 505 22.18 4.40 2.99
N HIS A 506 22.92 3.29 3.12
CA HIS A 506 24.15 3.10 2.38
C HIS A 506 23.87 2.93 0.89
N ASN A 507 22.62 2.55 0.55
CA ASN A 507 22.22 2.41 -0.85
C ASN A 507 21.74 3.73 -1.45
N CYS A 508 21.77 4.82 -0.67
CA CYS A 508 21.45 6.14 -1.15
C CYS A 508 22.73 6.82 -1.67
N ASP A 509 22.53 7.79 -2.55
CA ASP A 509 23.62 8.55 -3.15
C ASP A 509 23.93 9.84 -2.37
N MET A 510 22.98 10.30 -1.55
CA MET A 510 23.10 11.52 -0.79
C MET A 510 22.00 11.49 0.27
N MET A 511 22.07 12.44 1.20
CA MET A 511 21.07 12.52 2.25
C MET A 511 20.57 13.96 2.35
N LEU A 512 19.36 14.12 2.88
CA LEU A 512 18.82 15.44 3.19
C LEU A 512 18.34 15.46 4.63
N ASN A 513 18.62 16.56 5.34
CA ASN A 513 18.25 16.66 6.74
C ASN A 513 16.91 17.37 6.88
N PRO A 514 16.07 16.95 7.84
CA PRO A 514 14.77 17.57 8.05
C PRO A 514 14.97 18.93 8.68
N PHE A 515 13.88 19.70 8.62
CA PHE A 515 13.83 20.96 9.32
C PHE A 515 12.39 21.20 9.74
N PRO A 516 12.09 22.04 10.77
CA PRO A 516 13.07 22.88 11.45
C PRO A 516 14.00 22.20 12.43
N PHE A 517 13.58 21.05 12.92
CA PHE A 517 14.35 20.33 13.89
C PHE A 517 15.24 19.35 13.13
N GLY A 518 16.56 19.60 13.16
CA GLY A 518 17.50 18.78 12.40
C GLY A 518 17.97 17.55 13.16
N ASN A 519 19.13 17.06 12.71
CA ASN A 519 19.71 15.80 13.15
C ASN A 519 21.03 16.05 13.90
N THR A 520 21.42 15.07 14.71
CA THR A 520 22.74 14.94 15.28
C THR A 520 23.25 13.54 14.97
N ASN A 521 22.61 12.52 15.57
CA ASN A 521 23.00 11.15 15.29
C ASN A 521 22.95 10.86 13.80
N GLY A 522 21.94 11.37 13.10
CA GLY A 522 21.78 11.07 11.69
C GLY A 522 22.94 11.61 10.85
N ILE A 523 23.57 12.67 11.31
CA ILE A 523 24.74 13.23 10.65
C ILE A 523 25.96 12.34 10.88
N ILE A 524 26.11 11.84 12.08
CA ILE A 524 27.14 10.86 12.40
C ILE A 524 26.99 9.62 11.52
N ASP A 525 25.74 9.14 11.35
CA ASP A 525 25.45 8.00 10.50
C ASP A 525 25.82 8.33 9.07
N MET A 526 25.48 9.55 8.62
CA MET A 526 25.78 9.97 7.26
C MET A 526 27.29 9.85 6.98
N VAL A 527 28.11 10.43 7.84
CA VAL A 527 29.54 10.48 7.54
C VAL A 527 30.17 9.10 7.78
N THR A 528 29.64 8.32 8.72
CA THR A 528 30.00 6.92 8.87
C THR A 528 29.90 6.18 7.54
N LEU A 529 28.85 6.46 6.74
CA LEU A 529 28.62 5.75 5.48
C LEU A 529 29.30 6.48 4.32
N GLY A 530 30.10 7.51 4.63
CA GLY A 530 30.78 8.31 3.64
C GLY A 530 29.83 9.08 2.73
N LEU A 531 28.64 9.43 3.26
CA LEU A 531 27.64 10.13 2.50
C LEU A 531 27.77 11.64 2.76
N VAL A 532 27.16 12.43 1.86
CA VAL A 532 27.08 13.88 2.01
C VAL A 532 25.62 14.27 1.84
N GLY A 533 25.28 15.46 2.31
CA GLY A 533 23.90 15.88 2.29
C GLY A 533 23.78 17.39 2.56
N VAL A 534 22.54 17.88 2.49
CA VAL A 534 22.21 19.27 2.70
C VAL A 534 21.43 19.37 4.01
N CYS A 535 21.64 20.48 4.73
CA CYS A 535 20.88 20.80 5.91
C CYS A 535 20.41 22.24 5.84
N LYS A 536 19.44 22.55 6.70
CA LYS A 536 18.95 23.91 6.87
C LYS A 536 19.43 24.40 8.23
N THR A 537 19.81 25.68 8.29
CA THR A 537 20.20 26.26 9.56
C THR A 537 19.17 27.31 9.98
N GLY A 538 19.27 27.72 11.23
CA GLY A 538 18.41 28.76 11.75
C GLY A 538 18.72 29.06 13.21
N PRO A 539 17.89 29.89 13.88
CA PRO A 539 18.26 30.42 15.19
C PRO A 539 18.25 29.48 16.39
N GLU A 540 17.31 28.53 16.44
CA GLU A 540 17.28 27.60 17.57
C GLU A 540 18.50 26.70 17.52
N VAL A 541 18.90 26.21 18.69
CA VAL A 541 19.92 25.17 18.71
C VAL A 541 19.51 23.99 17.85
N HIS A 542 18.23 23.58 17.88
CA HIS A 542 17.88 22.39 17.14
C HIS A 542 17.87 22.64 15.63
N GLU A 543 17.87 23.91 15.22
CA GLU A 543 18.04 24.29 13.82
C GLU A 543 19.53 24.44 13.44
N HIS A 544 20.38 24.72 14.42
CA HIS A 544 21.73 25.25 14.17
C HIS A 544 22.78 24.16 14.36
N ILE A 545 22.45 23.08 15.09
CA ILE A 545 23.39 21.99 15.32
C ILE A 545 23.94 21.43 14.01
N ASP A 546 23.08 21.26 13.02
CA ASP A 546 23.47 20.65 11.75
C ASP A 546 24.60 21.47 11.11
N GLU A 547 24.44 22.79 11.15
CA GLU A 547 25.45 23.71 10.62
C GLU A 547 26.75 23.50 11.36
N GLY A 548 26.69 23.48 12.69
CA GLY A 548 27.93 23.35 13.45
C GLY A 548 28.62 22.01 13.22
N LEU A 549 27.82 20.93 13.19
CA LEU A 549 28.35 19.60 13.02
C LEU A 549 28.94 19.39 11.64
N PHE A 550 28.27 19.94 10.61
CA PHE A 550 28.80 19.87 9.26
C PHE A 550 30.19 20.51 9.22
N LYS A 551 30.30 21.66 9.88
CA LYS A 551 31.59 22.36 9.92
C LYS A 551 32.62 21.56 10.71
N ARG A 552 32.26 20.95 11.84
CA ARG A 552 33.21 20.16 12.62
C ARG A 552 33.76 19.03 11.76
N LEU A 553 32.89 18.47 10.93
CA LEU A 553 33.20 17.28 10.17
C LEU A 553 33.84 17.66 8.84
N GLY A 554 34.04 18.95 8.56
CA GLY A 554 34.75 19.38 7.36
C GLY A 554 33.89 19.35 6.09
N LEU A 555 32.55 19.35 6.22
CA LEU A 555 31.70 19.53 5.05
C LEU A 555 31.67 21.01 4.68
N PRO A 556 31.62 21.35 3.39
CA PRO A 556 31.65 22.74 2.95
C PRO A 556 30.34 23.48 3.19
N GLU A 557 30.47 24.81 3.26
CA GLU A 557 29.38 25.69 3.66
C GLU A 557 28.23 25.71 2.66
N TRP A 558 28.47 25.44 1.36
CA TRP A 558 27.37 25.51 0.42
C TRP A 558 26.26 24.49 0.74
N LEU A 559 26.57 23.44 1.51
CA LEU A 559 25.61 22.40 1.86
C LEU A 559 24.71 22.86 3.01
N ILE A 560 25.02 24.03 3.58
CA ILE A 560 24.28 24.60 4.71
C ILE A 560 23.41 25.75 4.23
N ALA A 561 22.08 25.53 4.27
CA ALA A 561 21.12 26.45 3.66
C ALA A 561 20.46 27.31 4.74
N ASP A 562 20.24 28.59 4.45
CA ASP A 562 19.60 29.52 5.39
C ASP A 562 18.09 29.50 5.20
N SER A 563 17.63 29.70 3.96
CA SER A 563 16.21 29.73 3.66
C SER A 563 15.76 28.41 3.03
N VAL A 564 14.44 28.25 2.90
CA VAL A 564 13.90 27.06 2.27
C VAL A 564 14.28 27.06 0.78
N GLU A 565 14.24 28.25 0.15
CA GLU A 565 14.61 28.34 -1.24
C GLU A 565 16.08 27.93 -1.44
N ASP A 566 16.94 28.40 -0.56
CA ASP A 566 18.34 28.00 -0.56
C ASP A 566 18.44 26.48 -0.48
N TYR A 567 17.70 25.88 0.46
CA TYR A 567 17.75 24.43 0.65
C TYR A 567 17.40 23.70 -0.64
N ILE A 568 16.30 24.11 -1.29
CA ILE A 568 15.88 23.54 -2.56
C ILE A 568 17.01 23.60 -3.57
N GLU A 569 17.64 24.79 -3.71
CA GLU A 569 18.69 24.99 -4.69
C GLU A 569 19.88 24.08 -4.42
N ARG A 570 20.28 23.98 -3.16
CA ARG A 570 21.47 23.19 -2.81
C ARG A 570 21.17 21.69 -2.95
N ALA A 571 19.96 21.27 -2.56
CA ALA A 571 19.60 19.86 -2.73
C ALA A 571 19.62 19.49 -4.22
N ILE A 572 19.04 20.33 -5.08
CA ILE A 572 19.03 20.06 -6.52
C ILE A 572 20.46 19.96 -7.04
N ARG A 573 21.30 20.90 -6.62
CA ARG A 573 22.69 20.94 -7.04
C ARG A 573 23.39 19.64 -6.65
N LEU A 574 23.20 19.18 -5.41
CA LEU A 574 23.88 17.97 -4.97
C LEU A 574 23.39 16.75 -5.72
N ALA A 575 22.10 16.73 -6.11
CA ALA A 575 21.53 15.61 -6.82
C ALA A 575 21.98 15.59 -8.28
N GLU A 576 22.01 16.78 -8.90
CA GLU A 576 22.29 16.90 -10.33
C GLU A 576 23.79 16.74 -10.63
N ASN A 577 24.63 17.28 -9.74
CA ASN A 577 26.07 17.39 -9.97
C ASN A 577 26.80 16.14 -9.50
N HIS A 578 26.65 15.06 -10.26
CA HIS A 578 27.13 13.73 -9.88
C HIS A 578 28.61 13.77 -9.49
N GLN A 579 29.44 14.37 -10.34
CA GLN A 579 30.89 14.43 -10.09
C GLN A 579 31.22 15.24 -8.84
N GLU A 580 30.56 16.38 -8.65
CA GLU A 580 30.78 17.20 -7.49
C GLU A 580 30.42 16.43 -6.22
N ARG A 581 29.28 15.73 -6.27
CA ARG A 581 28.81 14.93 -5.14
C ARG A 581 29.84 13.84 -4.83
N LEU A 582 30.27 13.10 -5.83
CA LEU A 582 31.21 12.01 -5.57
C LEU A 582 32.53 12.53 -5.04
N ALA A 583 32.98 13.71 -5.51
CA ALA A 583 34.20 14.29 -4.97
C ALA A 583 34.05 14.58 -3.47
N LEU A 584 32.92 15.16 -3.04
CA LEU A 584 32.70 15.41 -1.61
C LEU A 584 32.67 14.11 -0.81
N ARG A 585 32.07 13.06 -1.36
CA ARG A 585 32.03 11.79 -0.67
C ARG A 585 33.47 11.28 -0.49
N ARG A 586 34.31 11.45 -1.51
CA ARG A 586 35.72 11.02 -1.42
C ARG A 586 36.50 11.83 -0.37
N HIS A 587 36.25 13.13 -0.32
CA HIS A 587 36.73 13.99 0.76
C HIS A 587 36.38 13.40 2.12
N ILE A 588 35.11 13.03 2.31
CA ILE A 588 34.63 12.59 3.62
C ILE A 588 35.22 11.24 3.97
N ILE A 589 35.28 10.31 2.99
CA ILE A 589 35.81 8.97 3.26
C ILE A 589 37.28 9.07 3.65
N GLU A 590 38.02 9.92 2.93
CA GLU A 590 39.46 10.04 3.16
C GLU A 590 39.74 10.82 4.46
N ASN A 591 38.90 11.80 4.79
CA ASN A 591 39.22 12.71 5.90
C ASN A 591 38.81 12.12 7.23
N ASN A 592 37.72 11.37 7.29
CA ASN A 592 37.35 10.70 8.53
C ASN A 592 37.29 11.73 9.66
N GLY A 593 36.52 12.83 9.42
CA GLY A 593 36.30 13.88 10.40
C GLY A 593 35.63 13.37 11.67
N LEU A 594 35.01 12.20 11.56
CA LEU A 594 34.30 11.57 12.66
C LEU A 594 35.21 11.46 13.89
N LYS A 595 36.46 11.01 13.64
CA LYS A 595 37.41 10.78 14.73
C LYS A 595 37.62 12.03 15.58
N THR A 596 37.46 13.23 15.00
CA THR A 596 37.65 14.48 15.73
C THR A 596 36.51 14.78 16.70
N LEU A 597 35.36 14.11 16.58
CA LEU A 597 34.25 14.35 17.50
C LEU A 597 34.59 13.73 18.87
N PHE A 598 35.51 12.76 18.87
CA PHE A 598 35.80 11.94 20.04
C PHE A 598 36.97 12.56 20.82
N SER A 599 37.54 13.63 20.28
CA SER A 599 38.65 14.31 20.90
C SER A 599 38.21 15.69 21.35
N GLY A 600 38.89 16.16 22.40
CA GLY A 600 38.66 17.51 22.91
C GLY A 600 39.06 17.59 24.37
N ASP A 601 39.03 18.81 24.90
CA ASP A 601 39.32 19.04 26.29
C ASP A 601 37.98 19.17 26.99
N PRO A 602 37.62 18.20 27.87
CA PRO A 602 36.29 18.17 28.49
C PRO A 602 36.12 18.99 29.77
N SER A 603 37.14 19.77 30.16
CA SER A 603 37.16 20.39 31.48
C SER A 603 36.29 21.65 31.56
N PRO A 604 35.96 22.35 30.45
CA PRO A 604 35.29 23.65 30.59
C PRO A 604 33.96 23.69 31.36
N MET A 605 33.15 22.63 31.28
CA MET A 605 31.86 22.69 31.94
C MET A 605 32.07 22.81 33.46
N GLY A 606 32.91 21.93 34.02
CA GLY A 606 33.27 21.96 35.42
C GLY A 606 33.87 23.31 35.85
N LYS A 607 34.78 23.83 35.00
CA LYS A 607 35.48 25.05 35.35
C LYS A 607 34.53 26.24 35.28
N THR A 608 33.63 26.24 34.28
CA THR A 608 32.71 27.36 34.12
C THR A 608 31.72 27.38 35.28
N LEU A 609 31.22 26.21 35.68
CA LEU A 609 30.23 26.14 36.75
C LEU A 609 30.88 26.48 38.09
N PHE A 610 32.15 26.12 38.27
CA PHE A 610 32.88 26.44 39.49
C PHE A 610 33.09 27.96 39.60
N ALA A 611 33.46 28.62 38.49
CA ALA A 611 33.57 30.06 38.45
C ALA A 611 32.23 30.72 38.80
N LYS A 612 31.13 30.17 38.26
CA LYS A 612 29.83 30.73 38.56
C LYS A 612 29.53 30.59 40.04
N LEU A 613 29.94 29.47 40.64
CA LEU A 613 29.68 29.25 42.06
C LEU A 613 30.48 30.26 42.88
N THR A 614 31.75 30.42 42.53
CA THR A 614 32.62 31.40 43.18
C THR A 614 31.93 32.77 43.19
N GLU A 615 31.43 33.19 42.02
CA GLU A 615 30.81 34.49 41.86
C GLU A 615 29.53 34.58 42.70
N TRP A 616 28.77 33.48 42.75
CA TRP A 616 27.57 33.41 43.56
C TRP A 616 27.91 33.59 45.05
N ARG A 617 28.97 32.90 45.50
CA ARG A 617 29.36 32.90 46.91
C ARG A 617 29.80 34.30 47.35
N GLN A 618 30.53 35.01 46.48
CA GLN A 618 31.06 36.30 46.90
C GLN A 618 29.99 37.39 46.69
N THR A 619 28.93 37.10 45.93
CA THR A 619 27.81 38.02 45.82
C THR A 619 26.93 37.89 47.06
N ASN A 620 26.75 36.63 47.53
CA ASN A 620 25.75 36.32 48.53
C ASN A 620 26.34 36.17 49.92
N GLY A 621 27.65 35.87 50.01
CA GLY A 621 28.32 35.74 51.28
C GLY A 621 27.88 34.49 52.02
N ILE A 622 27.76 33.41 51.23
CA ILE A 622 27.45 32.07 51.73
C ILE A 622 28.52 31.13 51.13
N GLY B 1 -23.18 18.67 -12.36
CA GLY B 1 -22.89 18.13 -13.72
C GLY B 1 -24.14 17.65 -14.44
N MET B 2 -24.24 17.99 -15.73
CA MET B 2 -25.21 17.32 -16.59
C MET B 2 -24.58 16.01 -17.01
N SER B 3 -25.40 14.97 -17.02
CA SER B 3 -24.95 13.64 -17.38
C SER B 3 -26.12 12.89 -17.98
N ARG B 4 -25.81 11.75 -18.62
CA ARG B 4 -26.82 10.99 -19.34
C ARG B 4 -27.83 10.37 -18.38
N LYS B 5 -27.32 9.88 -17.24
CA LYS B 5 -28.12 9.02 -16.39
C LYS B 5 -27.65 9.24 -14.95
N LYS B 6 -28.56 9.15 -13.97
CA LYS B 6 -28.24 9.21 -12.56
C LYS B 6 -27.18 8.14 -12.21
N ASN B 7 -26.12 8.55 -11.52
CA ASN B 7 -25.11 7.60 -11.05
C ASN B 7 -25.61 6.70 -9.93
N PRO B 8 -25.21 5.42 -9.90
CA PRO B 8 -25.40 4.59 -8.71
C PRO B 8 -24.70 5.27 -7.54
N SER B 9 -25.23 5.05 -6.32
CA SER B 9 -24.82 5.81 -5.16
C SER B 9 -24.60 4.88 -3.96
N VAL B 10 -23.40 4.96 -3.37
CA VAL B 10 -23.13 4.32 -2.09
C VAL B 10 -24.02 4.86 -0.98
N ILE B 11 -24.31 6.17 -1.01
CA ILE B 11 -25.15 6.75 0.03
C ILE B 11 -26.57 6.21 -0.06
N GLN B 12 -27.12 6.13 -1.27
CA GLN B 12 -28.47 5.59 -1.44
C GLN B 12 -28.54 4.11 -1.05
N PHE B 13 -27.47 3.37 -1.33
CA PHE B 13 -27.37 1.97 -0.93
C PHE B 13 -27.47 1.84 0.58
N GLU B 14 -26.65 2.62 1.27
CA GLU B 14 -26.62 2.66 2.72
C GLU B 14 -27.97 3.06 3.29
N LYS B 15 -28.61 4.05 2.68
CA LYS B 15 -29.87 4.55 3.17
C LYS B 15 -30.93 3.47 3.08
N ALA B 16 -30.96 2.74 1.95
CA ALA B 16 -31.95 1.68 1.78
C ALA B 16 -31.72 0.60 2.84
N ILE B 17 -30.45 0.27 3.12
CA ILE B 17 -30.19 -0.74 4.14
C ILE B 17 -30.71 -0.28 5.51
N THR B 18 -30.44 0.95 5.86
CA THR B 18 -30.87 1.47 7.13
C THR B 18 -32.41 1.42 7.27
N GLU B 19 -33.12 1.71 6.18
CA GLU B 19 -34.58 1.66 6.16
C GLU B 19 -35.12 0.25 6.04
N LYS B 20 -34.25 -0.73 5.88
CA LYS B 20 -34.63 -2.11 5.64
C LYS B 20 -35.53 -2.19 4.42
N ASN B 21 -35.21 -1.37 3.42
CA ASN B 21 -35.79 -1.49 2.09
C ASN B 21 -34.89 -2.39 1.24
N TYR B 22 -35.10 -3.71 1.37
CA TYR B 22 -34.15 -4.70 0.86
C TYR B 22 -34.16 -4.69 -0.67
N GLU B 23 -35.35 -4.46 -1.27
CA GLU B 23 -35.42 -4.38 -2.72
C GLU B 23 -34.59 -3.20 -3.24
N ALA B 24 -34.74 -2.03 -2.60
CA ALA B 24 -34.02 -0.86 -3.07
C ALA B 24 -32.52 -1.04 -2.81
N ALA B 25 -32.16 -1.69 -1.72
CA ALA B 25 -30.75 -1.90 -1.41
C ALA B 25 -30.14 -2.85 -2.44
N CYS B 26 -30.84 -3.95 -2.76
CA CYS B 26 -30.31 -4.87 -3.77
C CYS B 26 -30.20 -4.25 -5.13
N THR B 27 -31.21 -3.47 -5.51
CA THR B 27 -31.19 -2.75 -6.75
C THR B 27 -30.00 -1.80 -6.81
N GLU B 28 -29.75 -1.00 -5.75
CA GLU B 28 -28.63 -0.09 -5.75
C GLU B 28 -27.30 -0.86 -5.89
N LEU B 29 -27.19 -1.96 -5.16
CA LEU B 29 -25.94 -2.72 -5.14
C LEU B 29 -25.66 -3.27 -6.53
N LEU B 30 -26.70 -3.82 -7.18
CA LEU B 30 -26.55 -4.34 -8.53
C LEU B 30 -26.22 -3.23 -9.49
N ASP B 31 -26.84 -2.04 -9.36
CA ASP B 31 -26.51 -0.92 -10.22
C ASP B 31 -25.03 -0.51 -10.07
N ILE B 32 -24.53 -0.49 -8.82
CA ILE B 32 -23.12 -0.18 -8.57
C ILE B 32 -22.23 -1.22 -9.24
N LEU B 33 -22.51 -2.50 -8.98
CA LEU B 33 -21.63 -3.56 -9.50
C LEU B 33 -21.70 -3.63 -11.03
N ASN B 34 -22.89 -3.38 -11.61
CA ASN B 34 -23.03 -3.44 -13.06
C ASN B 34 -22.26 -2.31 -13.71
N LYS B 35 -22.21 -1.13 -13.08
CA LYS B 35 -21.48 -0.05 -13.66
C LYS B 35 -19.98 -0.29 -13.57
N ILE B 36 -19.55 -0.81 -12.42
CA ILE B 36 -18.15 -1.23 -12.31
C ILE B 36 -17.80 -2.22 -13.44
N ASP B 37 -18.70 -3.18 -13.70
CA ASP B 37 -18.48 -4.18 -14.71
C ASP B 37 -18.29 -3.53 -16.09
N THR B 38 -19.18 -2.58 -16.40
CA THR B 38 -19.13 -1.81 -17.62
C THR B 38 -17.79 -1.12 -17.77
N ASN B 39 -17.25 -0.60 -16.67
CA ASN B 39 -16.00 0.13 -16.72
C ASN B 39 -14.80 -0.71 -16.28
N PHE B 40 -14.94 -2.03 -16.30
CA PHE B 40 -13.83 -2.96 -16.12
C PHE B 40 -13.09 -2.74 -14.80
N GLY B 41 -13.82 -2.29 -13.77
CA GLY B 41 -13.28 -2.17 -12.44
C GLY B 41 -13.13 -0.72 -11.97
N ASP B 42 -13.18 0.20 -12.92
CA ASP B 42 -13.08 1.62 -12.60
C ASP B 42 -14.34 2.06 -11.86
N ILE B 43 -14.17 2.93 -10.85
CA ILE B 43 -15.32 3.34 -10.04
C ILE B 43 -15.69 4.81 -10.28
N GLU B 44 -15.20 5.40 -11.36
CA GLU B 44 -15.69 6.70 -11.79
C GLU B 44 -17.21 6.63 -11.97
N GLY B 45 -17.89 7.68 -11.53
CA GLY B 45 -19.31 7.74 -11.79
C GLY B 45 -20.15 6.88 -10.83
N ILE B 46 -19.53 6.46 -9.73
CA ILE B 46 -20.27 5.91 -8.62
C ILE B 46 -20.17 6.96 -7.53
N ASP B 47 -21.31 7.43 -7.00
CA ASP B 47 -21.32 8.54 -6.08
C ASP B 47 -21.02 8.06 -4.65
N PHE B 48 -20.08 8.75 -3.98
CA PHE B 48 -19.89 8.60 -2.54
C PHE B 48 -19.15 9.81 -2.02
N ASP B 49 -19.37 10.14 -0.74
CA ASP B 49 -18.57 11.15 -0.06
C ASP B 49 -17.33 10.45 0.50
N TYR B 50 -16.28 11.22 0.74
CA TYR B 50 -15.07 10.65 1.32
C TYR B 50 -14.30 11.78 2.02
N PRO B 51 -13.43 11.45 2.98
CA PRO B 51 -12.60 12.46 3.65
C PRO B 51 -11.67 13.15 2.66
N GLN B 52 -11.49 14.46 2.80
CA GLN B 52 -10.78 15.27 1.81
C GLN B 52 -9.35 14.80 1.56
N GLN B 53 -8.73 14.12 2.56
CA GLN B 53 -7.41 13.55 2.37
C GLN B 53 -7.35 12.65 1.15
N LEU B 54 -8.48 12.03 0.74
CA LEU B 54 -8.42 11.05 -0.34
C LEU B 54 -8.64 11.67 -1.72
N GLU B 55 -8.78 12.99 -1.78
CA GLU B 55 -9.07 13.67 -3.04
C GLU B 55 -8.04 13.33 -4.11
N THR B 56 -6.76 13.31 -3.76
CA THR B 56 -5.70 13.10 -4.72
C THR B 56 -5.02 11.75 -4.58
N LEU B 57 -5.58 10.84 -3.77
CA LEU B 57 -4.95 9.56 -3.56
C LEU B 57 -5.84 8.48 -4.13
N MET B 58 -5.61 8.10 -5.39
CA MET B 58 -6.58 7.26 -6.10
C MET B 58 -6.63 5.87 -5.47
N GLN B 59 -5.48 5.24 -5.20
CA GLN B 59 -5.48 3.87 -4.68
C GLN B 59 -6.13 3.85 -3.29
N ASP B 60 -5.83 4.85 -2.46
CA ASP B 60 -6.38 4.90 -1.10
C ASP B 60 -7.89 5.17 -1.16
N ARG B 61 -8.32 5.97 -2.15
CA ARG B 61 -9.75 6.21 -2.33
C ARG B 61 -10.47 4.94 -2.74
N ILE B 62 -9.87 4.15 -3.65
CA ILE B 62 -10.40 2.87 -4.08
C ILE B 62 -10.57 1.95 -2.86
N VAL B 63 -9.55 1.86 -2.00
CA VAL B 63 -9.64 0.97 -0.85
C VAL B 63 -10.74 1.45 0.10
N TYR B 64 -10.83 2.76 0.33
CA TYR B 64 -11.91 3.33 1.11
C TYR B 64 -13.29 2.94 0.57
N PHE B 65 -13.47 3.06 -0.75
CA PHE B 65 -14.70 2.67 -1.39
C PHE B 65 -14.99 1.19 -1.16
N CYS B 66 -13.98 0.35 -1.34
CA CYS B 66 -14.19 -1.09 -1.18
C CYS B 66 -14.59 -1.42 0.27
N THR B 67 -13.96 -0.71 1.21
CA THR B 67 -14.20 -0.92 2.62
C THR B 67 -15.62 -0.52 2.96
N ARG B 68 -15.99 0.68 2.52
CA ARG B 68 -17.34 1.18 2.77
C ARG B 68 -18.41 0.27 2.17
N MET B 69 -18.18 -0.16 0.92
CA MET B 69 -19.12 -1.07 0.28
C MET B 69 -19.20 -2.41 1.02
N SER B 70 -18.04 -2.96 1.45
CA SER B 70 -17.99 -4.19 2.23
C SER B 70 -18.77 -4.05 3.53
N ASN B 71 -18.74 -2.88 4.15
CA ASN B 71 -19.43 -2.72 5.42
C ASN B 71 -20.95 -2.77 5.16
N ALA B 72 -21.35 -2.09 4.09
CA ALA B 72 -22.77 -2.04 3.74
C ALA B 72 -23.28 -3.42 3.35
N ILE B 73 -22.55 -4.13 2.49
CA ILE B 73 -22.93 -5.50 2.13
C ILE B 73 -23.04 -6.39 3.37
N THR B 74 -22.13 -6.19 4.34
CA THR B 74 -22.15 -6.93 5.58
C THR B 74 -23.49 -6.67 6.31
N GLN B 75 -23.83 -5.38 6.48
CA GLN B 75 -25.04 -5.02 7.20
C GLN B 75 -26.30 -5.58 6.53
N LEU B 76 -26.33 -5.60 5.20
CA LEU B 76 -27.47 -6.12 4.45
C LEU B 76 -27.53 -7.64 4.55
N PHE B 77 -26.42 -8.33 4.23
CA PHE B 77 -26.52 -9.78 4.09
C PHE B 77 -26.51 -10.50 5.43
N CYS B 78 -26.08 -9.84 6.51
CA CYS B 78 -26.21 -10.45 7.83
C CYS B 78 -27.63 -10.30 8.37
N ASP B 79 -28.46 -9.42 7.78
CA ASP B 79 -29.80 -9.20 8.28
C ASP B 79 -30.63 -10.47 8.04
N PRO B 80 -31.09 -11.18 9.09
CA PRO B 80 -31.86 -12.40 8.87
C PRO B 80 -33.24 -12.12 8.24
N GLN B 81 -33.72 -10.87 8.25
CA GLN B 81 -34.98 -10.56 7.59
C GLN B 81 -34.76 -10.30 6.10
N PHE B 82 -33.50 -10.22 5.67
CA PHE B 82 -33.24 -10.02 4.25
C PHE B 82 -33.42 -11.35 3.52
N SER B 83 -34.36 -11.32 2.57
CA SER B 83 -34.72 -12.46 1.74
C SER B 83 -34.25 -12.17 0.33
N LEU B 84 -33.35 -12.99 -0.19
CA LEU B 84 -32.94 -12.87 -1.57
C LEU B 84 -33.78 -13.76 -2.49
N SER B 85 -34.29 -13.23 -3.61
CA SER B 85 -35.04 -14.09 -4.53
C SER B 85 -34.07 -14.84 -5.42
N GLU B 86 -34.60 -15.85 -6.13
CA GLU B 86 -33.78 -16.63 -7.03
C GLU B 86 -33.29 -15.78 -8.19
N SER B 87 -34.17 -14.92 -8.73
CA SER B 87 -33.75 -14.06 -9.83
C SER B 87 -32.76 -13.00 -9.31
N GLY B 88 -32.94 -12.54 -8.05
CA GLY B 88 -31.94 -11.68 -7.43
C GLY B 88 -30.58 -12.37 -7.29
N ALA B 89 -30.59 -13.61 -6.81
CA ALA B 89 -29.36 -14.37 -6.64
C ALA B 89 -28.70 -14.57 -8.00
N ASN B 90 -29.47 -14.84 -9.04
CA ASN B 90 -28.98 -14.99 -10.40
C ASN B 90 -28.22 -13.74 -10.82
N ARG B 91 -28.82 -12.57 -10.61
CA ARG B 91 -28.14 -11.34 -10.97
C ARG B 91 -26.83 -11.15 -10.18
N PHE B 92 -26.82 -11.53 -8.89
CA PHE B 92 -25.59 -11.40 -8.12
C PHE B 92 -24.49 -12.36 -8.60
N PHE B 93 -24.87 -13.57 -9.03
CA PHE B 93 -23.84 -14.50 -9.52
C PHE B 93 -23.14 -13.92 -10.75
N VAL B 94 -23.88 -13.21 -11.59
CA VAL B 94 -23.34 -12.65 -12.81
C VAL B 94 -22.25 -11.66 -12.45
N VAL B 95 -22.40 -10.91 -11.33
CA VAL B 95 -21.41 -9.90 -10.94
C VAL B 95 -20.60 -10.33 -9.70
N GLN B 96 -20.57 -11.63 -9.37
CA GLN B 96 -19.84 -12.08 -8.20
C GLN B 96 -18.36 -11.71 -8.32
N ARG B 97 -17.80 -11.68 -9.51
CA ARG B 97 -16.39 -11.36 -9.70
C ARG B 97 -16.09 -9.96 -9.20
N TRP B 98 -17.08 -9.06 -9.26
CA TRP B 98 -16.92 -7.71 -8.74
C TRP B 98 -17.16 -7.65 -7.23
N LEU B 99 -18.09 -8.45 -6.73
CA LEU B 99 -18.28 -8.57 -5.27
C LEU B 99 -16.99 -9.07 -4.62
N ASN B 100 -16.31 -10.00 -5.30
CA ASN B 100 -15.06 -10.54 -4.79
C ASN B 100 -14.05 -9.42 -4.58
N LEU B 101 -13.98 -8.48 -5.52
CA LEU B 101 -13.01 -7.41 -5.44
C LEU B 101 -13.39 -6.36 -4.39
N ILE B 102 -14.69 -6.14 -4.18
CA ILE B 102 -15.14 -5.24 -3.13
C ILE B 102 -14.53 -5.72 -1.80
N PHE B 103 -14.55 -7.03 -1.53
CA PHE B 103 -13.96 -7.54 -0.29
C PHE B 103 -12.45 -7.69 -0.42
N ALA B 104 -11.97 -8.25 -1.54
CA ALA B 104 -10.56 -8.60 -1.71
C ALA B 104 -9.65 -7.39 -1.83
N SER B 105 -10.16 -6.24 -2.30
CA SER B 105 -9.34 -5.02 -2.35
C SER B 105 -9.56 -4.15 -1.10
N SER B 106 -10.45 -4.58 -0.22
CA SER B 106 -10.59 -3.97 1.10
C SER B 106 -9.59 -4.67 2.03
N PRO B 107 -9.42 -4.23 3.27
CA PRO B 107 -8.57 -4.95 4.23
C PRO B 107 -9.15 -6.29 4.66
N TYR B 108 -10.41 -6.55 4.36
CA TYR B 108 -11.14 -7.67 4.89
C TYR B 108 -10.84 -8.99 4.18
N ILE B 109 -10.38 -8.90 2.92
CA ILE B 109 -9.99 -10.01 2.08
C ILE B 109 -11.18 -10.77 1.46
N ASN B 110 -12.14 -11.18 2.28
CA ASN B 110 -13.30 -11.93 1.80
C ASN B 110 -14.51 -11.59 2.67
N ALA B 111 -15.63 -12.29 2.41
CA ALA B 111 -16.87 -12.04 3.10
C ALA B 111 -17.13 -13.15 4.12
N ASP B 112 -16.08 -13.82 4.59
CA ASP B 112 -16.30 -14.99 5.43
C ASP B 112 -16.93 -14.61 6.76
N HIS B 113 -16.68 -13.39 7.25
CA HIS B 113 -17.30 -12.91 8.47
C HIS B 113 -18.84 -12.87 8.34
N ILE B 114 -19.34 -12.67 7.12
CA ILE B 114 -20.77 -12.78 6.86
C ILE B 114 -21.20 -14.23 6.88
N LEU B 115 -20.47 -15.08 6.13
CA LEU B 115 -20.80 -16.49 6.04
C LEU B 115 -20.91 -17.09 7.45
N GLN B 116 -20.01 -16.71 8.37
CA GLN B 116 -19.97 -17.26 9.73
C GLN B 116 -21.30 -17.03 10.46
N THR B 117 -21.99 -15.90 10.17
CA THR B 117 -23.27 -15.61 10.82
C THR B 117 -24.35 -16.59 10.38
N TYR B 118 -24.12 -17.31 9.27
CA TYR B 118 -25.09 -18.26 8.80
C TYR B 118 -24.94 -19.62 9.49
N ASN B 119 -23.84 -19.86 10.22
CA ASN B 119 -23.62 -21.19 10.78
C ASN B 119 -24.64 -21.48 11.88
N CYS B 120 -25.30 -22.64 11.81
CA CYS B 120 -26.31 -22.98 12.80
C CYS B 120 -25.85 -24.12 13.73
N ASN B 121 -24.65 -24.66 13.51
CA ASN B 121 -24.15 -25.81 14.26
C ASN B 121 -23.05 -25.39 15.23
N PRO B 122 -23.34 -25.25 16.55
CA PRO B 122 -22.30 -24.93 17.52
C PRO B 122 -21.32 -26.07 17.81
N GLU B 123 -21.60 -27.29 17.31
CA GLU B 123 -20.78 -28.47 17.60
C GLU B 123 -19.83 -28.79 16.46
N ARG B 124 -19.62 -27.84 15.54
CA ARG B 124 -18.80 -28.15 14.40
C ARG B 124 -17.37 -28.44 14.86
N ASP B 125 -16.68 -29.21 14.05
CA ASP B 125 -15.31 -29.62 14.29
C ASP B 125 -14.31 -28.52 13.96
N SER B 126 -14.70 -27.64 13.03
CA SER B 126 -13.79 -26.65 12.49
C SER B 126 -14.57 -25.35 12.28
N ILE B 127 -13.93 -24.20 12.53
CA ILE B 127 -14.53 -22.90 12.24
C ILE B 127 -14.68 -22.73 10.73
N TYR B 128 -14.01 -23.58 9.94
CA TYR B 128 -14.05 -23.46 8.51
C TYR B 128 -15.31 -24.13 7.94
N ASP B 129 -16.05 -24.86 8.78
CA ASP B 129 -17.28 -25.49 8.34
C ASP B 129 -18.47 -24.60 8.71
N ILE B 130 -19.38 -24.41 7.74
CA ILE B 130 -20.58 -23.63 7.94
C ILE B 130 -21.76 -24.55 7.66
N TYR B 131 -22.60 -24.73 8.65
CA TYR B 131 -23.80 -25.53 8.50
C TYR B 131 -24.97 -24.56 8.37
N LEU B 132 -25.79 -24.76 7.34
CA LEU B 132 -26.92 -23.89 7.03
C LEU B 132 -28.22 -24.56 7.45
N GLU B 133 -29.19 -23.74 7.89
CA GLU B 133 -30.58 -24.15 7.95
C GLU B 133 -31.03 -24.56 6.57
N PRO B 134 -31.99 -25.52 6.44
CA PRO B 134 -32.38 -26.04 5.13
C PRO B 134 -33.43 -25.21 4.39
N ASN B 135 -33.13 -23.92 4.18
CA ASN B 135 -33.99 -23.06 3.39
C ASN B 135 -33.15 -22.42 2.29
N LYS B 136 -33.79 -22.17 1.16
CA LYS B 136 -33.11 -21.78 -0.06
C LYS B 136 -32.57 -20.36 0.09
N ASN B 137 -33.24 -19.52 0.92
CA ASN B 137 -32.82 -18.15 1.10
C ASN B 137 -31.37 -18.09 1.62
N VAL B 138 -31.09 -18.80 2.72
CA VAL B 138 -29.78 -18.71 3.35
C VAL B 138 -28.77 -19.43 2.47
N LEU B 139 -29.19 -20.47 1.72
CA LEU B 139 -28.29 -21.15 0.81
C LEU B 139 -27.83 -20.21 -0.31
N MET B 140 -28.76 -19.42 -0.86
CA MET B 140 -28.44 -18.47 -1.92
C MET B 140 -27.56 -17.34 -1.39
N LYS B 141 -27.78 -16.86 -0.15
CA LYS B 141 -26.96 -15.77 0.36
C LYS B 141 -25.54 -16.30 0.63
N PHE B 142 -25.48 -17.50 1.17
CA PHE B 142 -24.21 -18.20 1.35
C PHE B 142 -23.45 -18.28 0.03
N ALA B 143 -24.12 -18.76 -1.02
CA ALA B 143 -23.46 -19.05 -2.29
C ALA B 143 -23.03 -17.74 -2.96
N VAL B 144 -23.86 -16.71 -2.89
CA VAL B 144 -23.50 -15.43 -3.49
C VAL B 144 -22.22 -14.90 -2.86
N LEU B 145 -22.06 -15.09 -1.54
CA LEU B 145 -20.89 -14.56 -0.86
C LEU B 145 -19.80 -15.61 -0.64
N TYR B 146 -19.88 -16.75 -1.32
CA TYR B 146 -18.79 -17.71 -1.31
C TYR B 146 -17.81 -17.27 -2.40
N LEU B 147 -16.92 -16.35 -2.05
CA LEU B 147 -16.12 -15.63 -3.01
C LEU B 147 -14.82 -16.40 -3.33
N PRO B 148 -14.21 -16.09 -4.47
CA PRO B 148 -12.91 -16.65 -4.84
C PRO B 148 -11.88 -16.66 -3.71
N GLU B 149 -11.90 -15.67 -2.81
CA GLU B 149 -10.92 -15.53 -1.75
C GLU B 149 -11.36 -16.15 -0.44
N SER B 150 -12.49 -16.87 -0.43
CA SER B 150 -13.05 -17.43 0.78
C SER B 150 -12.12 -18.53 1.35
N ASN B 151 -12.10 -18.64 2.67
CA ASN B 151 -11.35 -19.69 3.34
C ASN B 151 -12.29 -20.74 3.93
N VAL B 152 -13.59 -20.62 3.63
CA VAL B 152 -14.60 -21.52 4.13
C VAL B 152 -14.58 -22.81 3.33
N ASN B 153 -14.79 -23.92 4.06
CA ASN B 153 -14.92 -25.23 3.43
C ASN B 153 -16.22 -25.30 2.62
N LEU B 154 -16.13 -25.87 1.43
CA LEU B 154 -17.32 -26.19 0.66
C LEU B 154 -17.09 -27.49 -0.09
N ASN B 155 -18.02 -28.40 0.11
CA ASN B 155 -17.96 -29.70 -0.55
C ASN B 155 -18.94 -29.68 -1.69
N LEU B 156 -18.42 -29.75 -2.91
CA LEU B 156 -19.24 -29.58 -4.11
C LEU B 156 -20.32 -30.65 -4.23
N ASP B 157 -19.99 -31.92 -3.90
CA ASP B 157 -20.99 -32.98 -3.95
C ASP B 157 -22.14 -32.65 -3.01
N THR B 158 -21.86 -32.08 -1.83
CA THR B 158 -22.91 -31.74 -0.87
C THR B 158 -23.82 -30.67 -1.47
N MET B 159 -23.20 -29.63 -2.00
CA MET B 159 -23.95 -28.53 -2.55
C MET B 159 -24.81 -28.98 -3.74
N TRP B 160 -24.24 -29.80 -4.63
CA TRP B 160 -24.92 -30.33 -5.80
C TRP B 160 -26.20 -31.09 -5.42
N GLU B 161 -26.10 -31.92 -4.40
CA GLU B 161 -27.24 -32.68 -3.93
C GLU B 161 -28.26 -31.75 -3.28
N THR B 162 -27.81 -30.66 -2.63
CA THR B 162 -28.76 -29.73 -2.01
C THR B 162 -29.52 -28.93 -3.06
N ASP B 163 -28.81 -28.33 -4.02
CA ASP B 163 -29.49 -27.52 -5.01
C ASP B 163 -28.60 -27.38 -6.24
N LYS B 164 -28.98 -28.07 -7.31
CA LYS B 164 -28.15 -28.14 -8.50
C LYS B 164 -27.99 -26.77 -9.18
N ASN B 165 -29.07 -26.00 -9.28
CA ASN B 165 -28.97 -24.72 -9.98
C ASN B 165 -28.06 -23.72 -9.24
N ILE B 166 -28.16 -23.69 -7.91
CA ILE B 166 -27.32 -22.78 -7.12
C ILE B 166 -25.86 -23.23 -7.20
N CYS B 167 -25.66 -24.53 -7.10
CA CYS B 167 -24.32 -25.08 -7.16
C CYS B 167 -23.71 -24.73 -8.51
N GLY B 168 -24.47 -24.96 -9.59
CA GLY B 168 -23.98 -24.69 -10.92
C GLY B 168 -23.71 -23.20 -11.13
N SER B 169 -24.58 -22.36 -10.57
CA SER B 169 -24.42 -20.91 -10.67
C SER B 169 -23.13 -20.47 -9.97
N LEU B 170 -22.87 -20.99 -8.77
CA LEU B 170 -21.67 -20.62 -8.05
C LEU B 170 -20.45 -21.08 -8.85
N CYS B 171 -20.53 -22.28 -9.47
CA CYS B 171 -19.39 -22.74 -10.24
C CYS B 171 -19.13 -21.81 -11.43
N PHE B 172 -20.19 -21.34 -12.09
CA PHE B 172 -20.00 -20.33 -13.13
C PHE B 172 -19.29 -19.10 -12.56
N ALA B 173 -19.81 -18.58 -11.46
CA ALA B 173 -19.30 -17.35 -10.88
C ALA B 173 -17.81 -17.49 -10.59
N LEU B 174 -17.38 -18.60 -9.98
CA LEU B 174 -15.98 -18.77 -9.58
C LEU B 174 -15.03 -18.96 -10.75
N GLN B 175 -15.55 -19.21 -11.94
CA GLN B 175 -14.73 -19.34 -13.14
C GLN B 175 -14.63 -18.00 -13.90
N SER B 176 -15.46 -17.01 -13.52
CA SER B 176 -15.71 -15.84 -14.34
C SER B 176 -14.73 -14.67 -14.16
N PRO B 177 -14.01 -14.47 -13.04
CA PRO B 177 -13.11 -13.30 -12.97
C PRO B 177 -12.01 -13.32 -14.04
N ARG B 178 -11.54 -12.12 -14.41
CA ARG B 178 -10.41 -11.97 -15.29
C ARG B 178 -9.08 -12.05 -14.55
N PHE B 179 -9.14 -12.13 -13.21
CA PHE B 179 -7.98 -12.42 -12.40
C PHE B 179 -8.36 -13.52 -11.39
N ILE B 180 -7.78 -14.70 -11.60
CA ILE B 180 -8.00 -15.92 -10.84
C ILE B 180 -6.61 -16.47 -10.52
N GLY B 181 -5.80 -15.63 -9.91
CA GLY B 181 -4.39 -15.93 -9.80
C GLY B 181 -3.95 -16.40 -8.41
N THR B 182 -4.70 -16.03 -7.38
CA THR B 182 -4.30 -16.28 -6.01
C THR B 182 -4.42 -17.76 -5.68
N PRO B 183 -3.67 -18.30 -4.70
CA PRO B 183 -3.84 -19.70 -4.32
C PRO B 183 -5.29 -20.07 -4.04
N ALA B 184 -6.03 -19.21 -3.35
CA ALA B 184 -7.41 -19.53 -3.01
C ALA B 184 -8.34 -19.55 -4.23
N ALA B 185 -8.22 -18.54 -5.12
CA ALA B 185 -9.09 -18.43 -6.29
C ALA B 185 -8.73 -19.52 -7.33
N PHE B 186 -7.43 -19.71 -7.55
CA PHE B 186 -6.95 -20.65 -8.55
C PHE B 186 -7.24 -22.08 -8.14
N SER B 187 -7.15 -22.35 -6.84
CA SER B 187 -7.49 -23.66 -6.29
C SER B 187 -8.96 -24.00 -6.52
N LYS B 188 -9.86 -23.06 -6.21
CA LYS B 188 -11.29 -23.32 -6.44
C LYS B 188 -11.56 -23.59 -7.91
N ARG B 189 -11.02 -22.74 -8.77
CA ARG B 189 -11.29 -22.87 -10.19
C ARG B 189 -10.73 -24.20 -10.71
N SER B 190 -9.52 -24.54 -10.26
CA SER B 190 -8.90 -25.82 -10.59
C SER B 190 -9.84 -26.99 -10.27
N THR B 191 -10.35 -27.04 -9.06
CA THR B 191 -11.23 -28.09 -8.62
C THR B 191 -12.50 -28.12 -9.47
N ILE B 192 -13.04 -26.95 -9.78
CA ILE B 192 -14.23 -26.85 -10.62
C ILE B 192 -13.98 -27.42 -12.01
N LEU B 193 -12.81 -27.18 -12.59
CA LEU B 193 -12.55 -27.68 -13.94
C LEU B 193 -12.54 -29.20 -13.97
N GLN B 194 -12.23 -29.84 -12.84
CA GLN B 194 -12.19 -31.30 -12.76
C GLN B 194 -13.57 -31.86 -12.42
N TRP B 195 -14.31 -31.18 -11.54
CA TRP B 195 -15.52 -31.76 -10.96
C TRP B 195 -16.75 -31.37 -11.79
N PHE B 196 -16.77 -30.13 -12.31
CA PHE B 196 -18.00 -29.53 -12.80
C PHE B 196 -18.42 -30.03 -14.18
N PRO B 197 -17.53 -30.38 -15.13
CA PRO B 197 -17.99 -30.74 -16.48
C PRO B 197 -19.04 -31.87 -16.50
N ALA B 198 -18.84 -32.92 -15.69
CA ALA B 198 -19.81 -34.02 -15.63
C ALA B 198 -21.17 -33.58 -15.06
N LYS B 199 -21.17 -32.54 -14.24
CA LYS B 199 -22.41 -32.01 -13.70
C LYS B 199 -23.07 -31.06 -14.68
N LEU B 200 -22.28 -30.11 -15.22
CA LEU B 200 -22.80 -29.15 -16.17
C LEU B 200 -23.50 -29.82 -17.35
N GLU B 201 -22.93 -30.93 -17.84
CA GLU B 201 -23.47 -31.74 -18.93
C GLU B 201 -24.94 -32.11 -18.68
N GLN B 202 -25.39 -32.12 -17.42
CA GLN B 202 -26.74 -32.56 -17.07
C GLN B 202 -27.76 -31.44 -17.19
N PHE B 203 -27.33 -30.18 -17.38
CA PHE B 203 -28.30 -29.12 -17.60
C PHE B 203 -28.86 -29.17 -19.02
N HIS B 204 -30.16 -28.85 -19.15
CA HIS B 204 -30.85 -28.87 -20.42
C HIS B 204 -31.03 -27.47 -20.99
N VAL B 205 -30.99 -26.45 -20.13
CA VAL B 205 -31.12 -25.07 -20.57
C VAL B 205 -30.17 -24.22 -19.73
N LEU B 206 -30.00 -22.95 -20.12
CA LEU B 206 -29.19 -21.99 -19.38
C LEU B 206 -30.03 -21.13 -18.43
N ASP B 207 -31.36 -21.31 -18.43
CA ASP B 207 -32.29 -20.42 -17.76
C ASP B 207 -31.97 -20.17 -16.28
N ASP B 208 -31.45 -21.16 -15.55
CA ASP B 208 -31.28 -21.04 -14.10
C ASP B 208 -29.80 -20.84 -13.74
N LEU B 209 -28.98 -20.65 -14.75
CA LEU B 209 -27.57 -20.35 -14.62
C LEU B 209 -27.35 -18.87 -14.99
N PRO B 210 -26.19 -18.33 -14.59
CA PRO B 210 -25.80 -16.96 -14.93
C PRO B 210 -25.27 -16.88 -16.36
N SER B 211 -26.19 -16.84 -17.33
CA SER B 211 -25.82 -17.11 -18.69
C SER B 211 -24.94 -16.00 -19.26
N ASN B 212 -25.04 -14.77 -18.74
CA ASN B 212 -24.25 -13.66 -19.24
C ASN B 212 -22.74 -13.81 -18.94
N ILE B 213 -22.32 -14.78 -18.12
CA ILE B 213 -20.88 -15.00 -17.94
C ILE B 213 -20.45 -16.35 -18.52
N SER B 214 -21.35 -17.00 -19.28
CA SER B 214 -21.05 -18.27 -19.94
C SER B 214 -19.80 -18.18 -20.80
N HIS B 215 -19.60 -17.06 -21.51
CA HIS B 215 -18.48 -16.99 -22.42
C HIS B 215 -17.17 -16.81 -21.65
N ASP B 216 -17.22 -16.22 -20.45
CA ASP B 216 -16.07 -16.17 -19.56
C ASP B 216 -15.71 -17.57 -19.05
N VAL B 217 -16.69 -18.40 -18.71
CA VAL B 217 -16.46 -19.79 -18.35
C VAL B 217 -15.74 -20.50 -19.50
N TYR B 218 -16.23 -20.25 -20.71
CA TYR B 218 -15.73 -20.90 -21.91
C TYR B 218 -14.27 -20.54 -22.14
N MET B 219 -13.94 -19.25 -22.01
CA MET B 219 -12.60 -18.76 -22.28
C MET B 219 -11.60 -19.07 -21.17
N HIS B 220 -12.01 -18.86 -19.90
CA HIS B 220 -11.07 -18.77 -18.80
C HIS B 220 -10.44 -20.10 -18.40
N CYS B 221 -11.08 -21.23 -18.73
CA CYS B 221 -10.52 -22.54 -18.41
C CYS B 221 -9.12 -22.70 -19.04
N SER B 222 -8.84 -21.94 -20.12
CA SER B 222 -7.55 -22.00 -20.79
C SER B 222 -6.37 -21.52 -19.94
N TYR B 223 -6.61 -20.76 -18.86
CA TYR B 223 -5.55 -20.18 -18.04
C TYR B 223 -5.18 -21.10 -16.86
N ASP B 224 -5.92 -22.21 -16.69
CA ASP B 224 -5.54 -23.23 -15.73
C ASP B 224 -4.37 -24.06 -16.29
N THR B 225 -3.82 -24.96 -15.48
CA THR B 225 -2.64 -25.74 -15.89
C THR B 225 -2.95 -27.19 -16.22
N ALA B 226 -4.14 -27.68 -15.88
CA ALA B 226 -4.47 -29.09 -16.14
C ALA B 226 -4.53 -29.41 -17.62
N GLU B 227 -4.08 -30.62 -17.99
CA GLU B 227 -4.10 -31.04 -19.39
C GLU B 227 -5.52 -31.05 -19.96
N ASN B 228 -6.50 -31.46 -19.15
CA ASN B 228 -7.88 -31.61 -19.55
C ASN B 228 -8.71 -30.37 -19.21
N LYS B 229 -8.06 -29.22 -19.03
CA LYS B 229 -8.72 -28.01 -18.58
C LYS B 229 -9.87 -27.60 -19.49
N HIS B 230 -9.85 -27.94 -20.78
CA HIS B 230 -10.89 -27.47 -21.67
C HIS B 230 -12.17 -28.32 -21.64
N ASN B 231 -12.22 -29.35 -20.77
CA ASN B 231 -13.35 -30.26 -20.75
C ASN B 231 -14.67 -29.53 -20.51
N VAL B 232 -14.65 -28.46 -19.69
CA VAL B 232 -15.86 -27.70 -19.38
C VAL B 232 -16.48 -27.13 -20.64
N LYS B 233 -15.67 -26.85 -21.67
CA LYS B 233 -16.19 -26.33 -22.93
C LYS B 233 -17.13 -27.33 -23.61
N LYS B 234 -16.75 -28.60 -23.58
CA LYS B 234 -17.54 -29.69 -24.15
C LYS B 234 -18.90 -29.75 -23.46
N ALA B 235 -18.86 -29.70 -22.12
CA ALA B 235 -20.06 -29.69 -21.33
C ALA B 235 -20.93 -28.47 -21.63
N LEU B 236 -20.33 -27.27 -21.70
CA LEU B 236 -21.11 -26.06 -21.96
C LEU B 236 -21.72 -26.13 -23.36
N ASN B 237 -21.00 -26.67 -24.35
CA ASN B 237 -21.57 -26.81 -25.68
C ASN B 237 -22.82 -27.68 -25.67
N GLN B 238 -22.79 -28.75 -24.89
CA GLN B 238 -23.94 -29.63 -24.83
C GLN B 238 -25.15 -28.89 -24.29
N VAL B 239 -24.95 -28.11 -23.24
CA VAL B 239 -26.03 -27.35 -22.65
C VAL B 239 -26.54 -26.34 -23.68
N ILE B 240 -25.62 -25.64 -24.34
CA ILE B 240 -26.00 -24.63 -25.32
C ILE B 240 -26.79 -25.24 -26.48
N ARG B 241 -26.32 -26.38 -26.98
CA ARG B 241 -27.00 -27.08 -28.07
C ARG B 241 -28.41 -27.48 -27.61
N SER B 242 -28.53 -28.01 -26.39
CA SER B 242 -29.83 -28.41 -25.84
C SER B 242 -30.74 -27.18 -25.72
N HIS B 243 -30.18 -26.10 -25.19
CA HIS B 243 -30.94 -24.88 -24.99
C HIS B 243 -31.46 -24.37 -26.33
N LEU B 244 -30.57 -24.37 -27.31
CA LEU B 244 -30.91 -23.88 -28.64
C LEU B 244 -32.04 -24.71 -29.25
N LEU B 245 -31.93 -26.05 -29.19
CA LEU B 245 -32.99 -26.91 -29.70
C LEU B 245 -34.29 -26.68 -28.96
N LYS B 246 -34.24 -26.48 -27.63
CA LYS B 246 -35.45 -26.25 -26.83
C LYS B 246 -36.09 -24.90 -27.15
N CYS B 247 -35.37 -24.00 -27.84
CA CYS B 247 -35.94 -22.76 -28.36
C CYS B 247 -36.54 -22.94 -29.75
N GLY B 248 -36.51 -24.15 -30.32
CA GLY B 248 -37.13 -24.41 -31.61
C GLY B 248 -36.17 -24.34 -32.78
N TRP B 249 -34.87 -24.19 -32.50
CA TRP B 249 -33.85 -24.10 -33.54
C TRP B 249 -33.90 -25.32 -34.46
N GLN B 250 -33.70 -25.06 -35.75
CA GLN B 250 -33.41 -26.10 -36.72
C GLN B 250 -32.18 -25.70 -37.55
N ASP B 251 -31.29 -26.67 -37.72
CA ASP B 251 -30.08 -26.51 -38.50
C ASP B 251 -30.44 -26.24 -39.96
N ARG B 252 -29.56 -25.55 -40.66
CA ARG B 252 -29.70 -25.39 -42.10
C ARG B 252 -29.49 -26.73 -42.80
N GLN B 253 -30.35 -27.01 -43.80
CA GLN B 253 -30.14 -28.11 -44.71
C GLN B 253 -29.22 -27.63 -45.83
N ILE B 254 -28.14 -28.36 -46.08
CA ILE B 254 -27.19 -28.01 -47.12
C ILE B 254 -27.61 -28.75 -48.39
N THR B 255 -28.12 -28.03 -49.39
CA THR B 255 -28.61 -28.63 -50.62
C THR B 255 -27.81 -28.16 -51.83
N GLN B 256 -27.01 -27.10 -51.69
CA GLN B 256 -26.47 -26.32 -52.79
C GLN B 256 -25.22 -25.56 -52.32
N ILE B 257 -24.27 -25.37 -53.23
CA ILE B 257 -23.18 -24.44 -53.03
C ILE B 257 -23.41 -23.22 -53.90
N GLY B 258 -23.81 -22.10 -53.28
CA GLY B 258 -24.07 -20.88 -54.02
C GLY B 258 -22.76 -20.25 -54.52
N MET B 259 -22.86 -19.35 -55.52
CA MET B 259 -21.73 -18.57 -56.00
C MET B 259 -22.10 -17.09 -55.98
N ARG B 260 -21.08 -16.24 -55.81
CA ARG B 260 -21.23 -14.82 -56.06
C ARG B 260 -19.94 -14.32 -56.69
N ASN B 261 -20.09 -13.52 -57.76
CA ASN B 261 -18.97 -13.14 -58.61
C ASN B 261 -18.15 -14.39 -58.98
N GLY B 262 -18.89 -15.47 -59.22
CA GLY B 262 -18.34 -16.71 -59.74
C GLY B 262 -17.54 -17.49 -58.71
N LYS B 263 -17.66 -17.12 -57.42
CA LYS B 263 -16.89 -17.80 -56.39
C LYS B 263 -17.82 -18.34 -55.30
N PRO B 264 -17.45 -19.47 -54.65
CA PRO B 264 -18.24 -19.96 -53.51
C PRO B 264 -18.15 -18.94 -52.37
N VAL B 265 -19.10 -19.00 -51.44
CA VAL B 265 -19.28 -17.95 -50.45
C VAL B 265 -18.79 -18.41 -49.08
N MET B 266 -17.92 -17.58 -48.50
CA MET B 266 -17.48 -17.74 -47.12
C MET B 266 -18.09 -16.64 -46.27
N VAL B 267 -18.85 -17.04 -45.24
CA VAL B 267 -19.42 -16.08 -44.32
C VAL B 267 -18.53 -16.04 -43.08
N VAL B 268 -18.05 -14.84 -42.72
CA VAL B 268 -17.17 -14.64 -41.58
C VAL B 268 -17.94 -14.00 -40.43
N VAL B 269 -17.97 -14.70 -39.28
CA VAL B 269 -18.66 -14.16 -38.11
C VAL B 269 -17.61 -13.66 -37.13
N LEU B 270 -17.69 -12.37 -36.78
CA LEU B 270 -16.61 -11.64 -36.12
C LEU B 270 -16.96 -11.35 -34.67
N GLU B 271 -15.98 -11.41 -33.76
CA GLU B 271 -16.21 -10.95 -32.39
C GLU B 271 -15.66 -9.54 -32.22
N HIS B 272 -14.35 -9.38 -32.30
CA HIS B 272 -13.76 -8.05 -32.31
C HIS B 272 -13.00 -7.90 -33.62
N PHE B 273 -13.27 -6.85 -34.40
CA PHE B 273 -12.54 -6.75 -35.63
C PHE B 273 -12.19 -5.31 -36.01
N HIS B 274 -12.20 -4.40 -35.03
CA HIS B 274 -11.70 -3.06 -35.27
C HIS B 274 -10.25 -3.18 -35.74
N SER B 275 -9.79 -2.29 -36.62
CA SER B 275 -8.45 -2.43 -37.18
C SER B 275 -7.39 -2.16 -36.12
N SER B 276 -7.78 -1.61 -34.97
CA SER B 276 -6.84 -1.43 -33.88
C SER B 276 -6.66 -2.70 -33.06
N HIS B 277 -7.45 -3.76 -33.30
CA HIS B 277 -7.41 -4.96 -32.48
C HIS B 277 -6.41 -5.98 -33.05
N SER B 278 -5.83 -6.80 -32.14
CA SER B 278 -4.89 -7.86 -32.53
C SER B 278 -5.45 -8.73 -33.63
N ILE B 279 -6.74 -9.09 -33.54
CA ILE B 279 -7.28 -10.08 -34.45
C ILE B 279 -7.28 -9.57 -35.89
N TYR B 280 -7.48 -8.27 -36.08
CA TYR B 280 -7.24 -7.67 -37.39
C TYR B 280 -5.78 -7.80 -37.81
N ARG B 281 -4.86 -7.53 -36.86
CA ARG B 281 -3.45 -7.54 -37.19
C ARG B 281 -2.99 -8.95 -37.56
N THR B 282 -3.58 -9.98 -36.93
CA THR B 282 -3.09 -11.33 -37.12
C THR B 282 -3.79 -12.01 -38.30
N HIS B 283 -5.09 -11.71 -38.51
CA HIS B 283 -5.95 -12.55 -39.34
C HIS B 283 -6.53 -11.83 -40.56
N SER B 284 -6.28 -10.53 -40.75
CA SER B 284 -6.88 -9.81 -41.87
C SER B 284 -6.22 -10.17 -43.20
N THR B 285 -4.90 -10.36 -43.23
CA THR B 285 -4.22 -10.52 -44.52
C THR B 285 -4.63 -11.83 -45.19
N SER B 286 -4.83 -12.89 -44.39
CA SER B 286 -5.24 -14.18 -44.95
C SER B 286 -6.69 -14.13 -45.41
N MET B 287 -7.54 -13.31 -44.78
CA MET B 287 -8.92 -13.17 -45.25
C MET B 287 -8.96 -12.44 -46.59
N ILE B 288 -8.23 -11.33 -46.70
CA ILE B 288 -8.17 -10.59 -47.96
C ILE B 288 -7.73 -11.52 -49.09
N ALA B 289 -6.66 -12.29 -48.86
CA ALA B 289 -6.11 -13.19 -49.85
C ALA B 289 -7.07 -14.34 -50.21
N ALA B 290 -7.96 -14.72 -49.29
CA ALA B 290 -8.94 -15.78 -49.58
C ALA B 290 -10.02 -15.30 -50.56
N ARG B 291 -10.14 -13.99 -50.78
CA ARG B 291 -11.08 -13.48 -51.78
C ARG B 291 -10.69 -13.90 -53.19
N GLU B 292 -9.45 -14.33 -53.40
CA GLU B 292 -9.04 -14.92 -54.68
C GLU B 292 -9.84 -16.19 -54.95
N GLN B 293 -10.22 -16.94 -53.90
CA GLN B 293 -10.94 -18.18 -54.10
C GLN B 293 -12.42 -18.07 -53.72
N PHE B 294 -12.75 -17.22 -52.73
CA PHE B 294 -14.12 -17.13 -52.20
C PHE B 294 -14.63 -15.70 -52.31
N TYR B 295 -15.95 -15.58 -52.36
CA TYR B 295 -16.64 -14.34 -52.05
C TYR B 295 -16.87 -14.28 -50.53
N LEU B 296 -16.34 -13.22 -49.88
CA LEU B 296 -16.33 -13.11 -48.43
C LEU B 296 -17.40 -12.12 -47.95
N ILE B 297 -18.27 -12.61 -47.05
CA ILE B 297 -19.27 -11.78 -46.39
C ILE B 297 -18.94 -11.70 -44.91
N GLY B 298 -18.68 -10.50 -44.39
CA GLY B 298 -18.35 -10.32 -43.00
C GLY B 298 -19.57 -9.89 -42.18
N LEU B 299 -19.80 -10.55 -41.03
CA LEU B 299 -20.83 -10.14 -40.08
C LEU B 299 -20.14 -9.75 -38.78
N GLY B 300 -20.31 -8.49 -38.36
CA GLY B 300 -19.71 -7.97 -37.16
C GLY B 300 -20.60 -6.91 -36.52
N ASN B 301 -20.17 -6.36 -35.38
CA ASN B 301 -20.94 -5.35 -34.67
C ASN B 301 -20.68 -3.96 -35.28
N ASN B 302 -21.38 -2.95 -34.75
CA ASN B 302 -21.29 -1.55 -35.16
C ASN B 302 -19.88 -0.98 -35.08
N ALA B 303 -19.09 -1.49 -34.14
CA ALA B 303 -17.81 -0.89 -33.77
C ALA B 303 -16.73 -1.23 -34.78
N VAL B 304 -16.98 -2.17 -35.71
CA VAL B 304 -15.99 -2.43 -36.75
C VAL B 304 -15.85 -1.18 -37.61
N ASP B 305 -14.60 -0.72 -37.80
CA ASP B 305 -14.29 0.49 -38.55
C ASP B 305 -14.20 0.14 -40.04
N GLN B 306 -13.98 1.16 -40.88
CA GLN B 306 -14.04 0.95 -42.31
C GLN B 306 -12.96 -0.05 -42.75
N ALA B 307 -11.75 0.06 -42.21
CA ALA B 307 -10.63 -0.80 -42.60
C ALA B 307 -10.98 -2.25 -42.28
N GLY B 308 -11.65 -2.45 -41.14
CA GLY B 308 -12.14 -3.78 -40.77
C GLY B 308 -13.18 -4.29 -41.76
N ARG B 309 -14.12 -3.41 -42.14
CA ARG B 309 -15.20 -3.81 -43.04
C ARG B 309 -14.65 -4.13 -44.44
N ASP B 310 -13.63 -3.37 -44.85
CA ASP B 310 -13.06 -3.45 -46.19
C ASP B 310 -12.31 -4.75 -46.42
N VAL B 311 -12.07 -5.58 -45.40
CA VAL B 311 -11.38 -6.84 -45.69
C VAL B 311 -12.33 -7.77 -46.45
N PHE B 312 -13.65 -7.47 -46.40
CA PHE B 312 -14.68 -8.34 -46.97
C PHE B 312 -15.21 -7.76 -48.28
N ASP B 313 -15.78 -8.65 -49.11
CA ASP B 313 -16.51 -8.23 -50.31
C ASP B 313 -17.77 -7.48 -49.88
N GLU B 314 -18.46 -7.94 -48.84
CA GLU B 314 -19.51 -7.13 -48.26
C GLU B 314 -19.57 -7.38 -46.76
N PHE B 315 -20.18 -6.42 -46.06
CA PHE B 315 -20.23 -6.42 -44.62
C PHE B 315 -21.65 -6.13 -44.17
N HIS B 316 -22.09 -6.84 -43.13
CA HIS B 316 -23.36 -6.57 -42.48
C HIS B 316 -23.14 -6.47 -40.97
N GLU B 317 -23.87 -5.53 -40.35
CA GLU B 317 -23.91 -5.39 -38.90
C GLU B 317 -24.83 -6.45 -38.28
N PHE B 318 -24.41 -6.98 -37.12
CA PHE B 318 -25.31 -7.74 -36.24
C PHE B 318 -26.15 -6.82 -35.37
N ASP B 319 -27.45 -6.71 -35.70
CA ASP B 319 -28.33 -5.69 -35.16
C ASP B 319 -28.88 -6.13 -33.80
N GLY B 320 -28.27 -5.63 -32.72
CA GLY B 320 -28.70 -5.94 -31.36
C GLY B 320 -27.80 -6.97 -30.68
N SER B 321 -28.20 -7.40 -29.47
CA SER B 321 -27.51 -8.40 -28.67
C SER B 321 -28.41 -9.58 -28.29
N ASN B 322 -29.56 -9.76 -28.98
CA ASN B 322 -30.39 -10.94 -28.83
C ASN B 322 -29.75 -12.09 -29.62
N ILE B 323 -29.45 -13.20 -28.94
CA ILE B 323 -28.65 -14.26 -29.55
C ILE B 323 -29.43 -15.02 -30.62
N LEU B 324 -30.68 -15.40 -30.29
CA LEU B 324 -31.53 -16.13 -31.22
C LEU B 324 -31.73 -15.33 -32.52
N LYS B 325 -31.88 -14.01 -32.42
CA LYS B 325 -32.04 -13.18 -33.62
C LYS B 325 -30.75 -13.15 -34.43
N LYS B 326 -29.59 -13.16 -33.75
CA LYS B 326 -28.32 -13.21 -34.48
C LYS B 326 -28.22 -14.51 -35.27
N LEU B 327 -28.61 -15.64 -34.66
CA LEU B 327 -28.45 -16.92 -35.33
C LEU B 327 -29.42 -16.99 -36.53
N ALA B 328 -30.62 -16.43 -36.33
CA ALA B 328 -31.63 -16.38 -37.39
C ALA B 328 -31.12 -15.55 -38.56
N PHE B 329 -30.50 -14.40 -38.26
CA PHE B 329 -29.94 -13.52 -39.27
C PHE B 329 -28.82 -14.26 -40.01
N LEU B 330 -27.95 -14.96 -39.27
CA LEU B 330 -26.88 -15.70 -39.90
C LEU B 330 -27.44 -16.83 -40.75
N LYS B 331 -28.47 -17.52 -40.25
CA LYS B 331 -29.07 -18.60 -41.01
C LYS B 331 -29.61 -18.08 -42.35
N GLU B 332 -30.28 -16.92 -42.33
CA GLU B 332 -30.86 -16.30 -43.53
C GLU B 332 -29.77 -15.90 -44.52
N MET B 333 -28.65 -15.39 -43.98
CA MET B 333 -27.54 -14.99 -44.81
C MET B 333 -26.93 -16.22 -45.49
N CYS B 334 -26.79 -17.32 -44.75
CA CYS B 334 -26.24 -18.54 -45.31
C CYS B 334 -27.21 -19.21 -46.31
N GLU B 335 -28.52 -19.09 -46.04
CA GLU B 335 -29.56 -19.65 -46.88
C GLU B 335 -29.60 -18.90 -48.22
N LYS B 336 -29.67 -17.57 -48.15
CA LYS B 336 -29.72 -16.73 -49.33
C LYS B 336 -28.50 -16.99 -50.23
N ASN B 337 -27.30 -17.16 -49.64
CA ASN B 337 -26.08 -17.27 -50.41
C ASN B 337 -25.64 -18.73 -50.58
N ASP B 338 -26.39 -19.68 -50.02
CA ASP B 338 -25.98 -21.08 -49.99
C ASP B 338 -24.49 -21.16 -49.66
N ALA B 339 -24.15 -20.64 -48.47
CA ALA B 339 -22.77 -20.46 -48.06
C ALA B 339 -22.03 -21.80 -48.10
N ALA B 340 -20.76 -21.76 -48.54
CA ALA B 340 -19.89 -22.92 -48.52
C ALA B 340 -19.14 -23.05 -47.18
N VAL B 341 -18.62 -21.92 -46.68
CA VAL B 341 -17.74 -21.94 -45.53
C VAL B 341 -18.26 -20.92 -44.51
N LEU B 342 -18.28 -21.33 -43.23
CA LEU B 342 -18.50 -20.45 -42.09
C LEU B 342 -17.18 -20.37 -41.32
N TYR B 343 -16.66 -19.14 -41.18
CA TYR B 343 -15.36 -18.91 -40.58
C TYR B 343 -15.48 -17.94 -39.39
N MET B 344 -14.90 -18.34 -38.25
CA MET B 344 -14.85 -17.48 -37.08
C MET B 344 -13.38 -17.32 -36.68
N PRO B 345 -12.73 -16.19 -36.99
CA PRO B 345 -11.32 -16.04 -36.62
C PRO B 345 -11.07 -16.09 -35.11
N SER B 346 -12.05 -15.69 -34.31
CA SER B 346 -12.00 -15.95 -32.87
C SER B 346 -13.34 -16.47 -32.37
N ILE B 347 -13.28 -17.33 -31.36
CA ILE B 347 -14.51 -17.79 -30.73
C ILE B 347 -14.28 -17.81 -29.22
N GLY B 348 -15.19 -17.13 -28.51
CA GLY B 348 -15.22 -17.15 -27.06
C GLY B 348 -15.45 -15.77 -26.47
N MET B 349 -15.07 -14.70 -27.18
CA MET B 349 -15.21 -13.39 -26.61
C MET B 349 -16.68 -12.94 -26.61
N ASP B 350 -17.56 -13.62 -27.37
CA ASP B 350 -18.98 -13.32 -27.36
C ASP B 350 -19.76 -14.62 -27.27
N LEU B 351 -20.82 -14.62 -26.44
CA LEU B 351 -21.63 -15.81 -26.26
C LEU B 351 -22.37 -16.19 -27.55
N ALA B 352 -22.76 -15.18 -28.35
CA ALA B 352 -23.39 -15.43 -29.63
C ALA B 352 -22.57 -16.39 -30.49
N THR B 353 -21.26 -16.15 -30.56
CA THR B 353 -20.37 -16.96 -31.38
C THR B 353 -20.36 -18.41 -30.89
N ILE B 354 -20.46 -18.60 -29.57
CA ILE B 354 -20.44 -19.96 -29.05
C ILE B 354 -21.72 -20.66 -29.47
N PHE B 355 -22.85 -19.94 -29.41
CA PHE B 355 -24.10 -20.53 -29.93
C PHE B 355 -23.94 -20.93 -31.41
N VAL B 356 -23.34 -20.05 -32.22
CA VAL B 356 -23.15 -20.29 -33.65
C VAL B 356 -22.37 -21.58 -33.87
N SER B 357 -21.31 -21.77 -33.08
CA SER B 357 -20.47 -22.95 -33.18
C SER B 357 -21.19 -24.24 -32.81
N ASN B 358 -22.41 -24.12 -32.24
CA ASN B 358 -23.20 -25.29 -31.87
C ASN B 358 -24.37 -25.53 -32.82
N ALA B 359 -24.26 -25.07 -34.09
CA ALA B 359 -25.32 -25.27 -35.06
C ALA B 359 -24.71 -25.36 -36.45
N ARG B 360 -25.51 -25.82 -37.42
CA ARG B 360 -25.04 -26.07 -38.78
C ARG B 360 -25.55 -25.00 -39.73
N PHE B 361 -24.61 -24.30 -40.36
CA PHE B 361 -24.92 -23.20 -41.28
C PHE B 361 -24.29 -23.41 -42.65
N ALA B 362 -23.17 -24.12 -42.70
CA ALA B 362 -22.42 -24.35 -43.93
C ALA B 362 -21.79 -25.72 -43.81
N PRO B 363 -21.50 -26.41 -44.93
CA PRO B 363 -20.90 -27.75 -44.84
C PRO B 363 -19.49 -27.76 -44.26
N ILE B 364 -18.77 -26.64 -44.39
CA ILE B 364 -17.45 -26.48 -43.79
C ILE B 364 -17.47 -25.35 -42.77
N GLN B 365 -17.24 -25.66 -41.49
CA GLN B 365 -17.22 -24.64 -40.43
C GLN B 365 -15.85 -24.69 -39.75
N VAL B 366 -15.26 -23.50 -39.62
CA VAL B 366 -13.83 -23.29 -39.37
C VAL B 366 -13.67 -22.18 -38.34
N ILE B 367 -12.74 -22.37 -37.40
CA ILE B 367 -12.33 -21.29 -36.51
C ILE B 367 -10.85 -21.03 -36.72
N ALA B 368 -10.43 -19.83 -36.34
CA ALA B 368 -9.02 -19.59 -36.07
C ALA B 368 -8.85 -19.37 -34.57
N LEU B 369 -7.63 -19.02 -34.17
CA LEU B 369 -7.28 -19.09 -32.75
C LEU B 369 -7.08 -17.71 -32.14
N GLY B 370 -7.92 -16.75 -32.52
CA GLY B 370 -7.95 -15.45 -31.85
C GLY B 370 -8.05 -15.60 -30.33
N HIS B 371 -8.87 -16.54 -29.89
CA HIS B 371 -8.77 -17.11 -28.55
C HIS B 371 -8.25 -18.52 -28.71
N PRO B 372 -6.97 -18.78 -28.35
CA PRO B 372 -6.31 -20.01 -28.77
C PRO B 372 -6.62 -21.25 -27.94
N ALA B 373 -7.81 -21.82 -28.20
CA ALA B 373 -8.23 -23.02 -27.51
C ALA B 373 -9.29 -23.73 -28.33
N THR B 374 -9.30 -25.07 -28.23
CA THR B 374 -10.25 -25.90 -28.94
C THR B 374 -11.67 -25.56 -28.51
N THR B 375 -12.62 -25.75 -29.44
CA THR B 375 -14.04 -25.53 -29.14
C THR B 375 -14.69 -26.73 -28.47
N HIS B 376 -14.21 -27.96 -28.77
CA HIS B 376 -14.92 -29.19 -28.41
C HIS B 376 -16.33 -29.24 -29.01
N SER B 377 -16.57 -28.50 -30.10
CA SER B 377 -17.86 -28.52 -30.74
C SER B 377 -17.88 -29.58 -31.86
N GLU B 378 -18.96 -30.36 -31.90
CA GLU B 378 -19.24 -31.29 -32.98
C GLU B 378 -19.52 -30.57 -34.30
N PHE B 379 -19.79 -29.26 -34.30
CA PHE B 379 -20.18 -28.55 -35.50
C PHE B 379 -19.01 -27.77 -36.13
N ILE B 380 -17.80 -27.92 -35.58
CA ILE B 380 -16.63 -27.24 -36.13
C ILE B 380 -15.68 -28.29 -36.66
N GLU B 381 -15.45 -28.25 -37.98
CA GLU B 381 -14.61 -29.23 -38.67
C GLU B 381 -13.12 -28.91 -38.48
N TYR B 382 -12.76 -27.64 -38.64
CA TYR B 382 -11.37 -27.28 -38.83
C TYR B 382 -10.94 -26.11 -37.94
N VAL B 383 -9.62 -26.10 -37.67
CA VAL B 383 -8.95 -24.96 -37.07
C VAL B 383 -7.83 -24.48 -37.98
N ILE B 384 -7.81 -23.18 -38.25
CA ILE B 384 -6.72 -22.55 -38.99
C ILE B 384 -5.62 -22.15 -38.02
N VAL B 385 -4.39 -22.64 -38.23
CA VAL B 385 -3.27 -22.29 -37.37
C VAL B 385 -1.95 -22.45 -38.11
N GLU B 386 -1.00 -21.59 -37.72
CA GLU B 386 0.34 -21.61 -38.27
C GLU B 386 1.03 -22.88 -37.77
N ASP B 387 1.69 -23.59 -38.69
CA ASP B 387 2.34 -24.86 -38.39
C ASP B 387 3.28 -24.76 -37.19
N ASP B 388 4.00 -23.64 -37.05
CA ASP B 388 5.06 -23.50 -36.06
C ASP B 388 4.51 -23.10 -34.68
N TYR B 389 3.20 -22.91 -34.57
CA TYR B 389 2.56 -22.54 -33.30
C TYR B 389 1.88 -23.76 -32.68
N VAL B 390 1.90 -24.91 -33.37
CA VAL B 390 1.18 -26.09 -32.92
C VAL B 390 2.12 -26.92 -32.08
N GLY B 391 1.63 -27.38 -30.92
CA GLY B 391 2.37 -28.32 -30.12
C GLY B 391 1.91 -29.74 -30.44
N SER B 392 0.92 -30.23 -29.66
CA SER B 392 0.27 -31.51 -29.91
C SER B 392 -1.08 -31.29 -30.59
N GLU B 393 -1.39 -32.11 -31.61
CA GLU B 393 -2.69 -32.02 -32.27
C GLU B 393 -3.80 -32.53 -31.35
N SER B 394 -3.43 -33.33 -30.36
CA SER B 394 -4.40 -33.97 -29.48
C SER B 394 -5.06 -32.94 -28.56
N CYS B 395 -4.55 -31.69 -28.53
CA CYS B 395 -5.15 -30.62 -27.74
C CYS B 395 -6.45 -30.11 -28.38
N PHE B 396 -6.71 -30.48 -29.64
CA PHE B 396 -7.86 -29.98 -30.37
C PHE B 396 -8.80 -31.13 -30.75
N SER B 397 -10.10 -30.87 -30.64
CA SER B 397 -11.13 -31.79 -31.08
C SER B 397 -11.29 -31.71 -32.60
N GLU B 398 -10.97 -30.53 -33.16
CA GLU B 398 -11.07 -30.26 -34.58
C GLU B 398 -9.89 -30.85 -35.34
N THR B 399 -10.02 -30.92 -36.67
CA THR B 399 -8.87 -31.18 -37.53
C THR B 399 -8.11 -29.88 -37.77
N LEU B 400 -6.81 -29.89 -37.48
CA LEU B 400 -5.99 -28.71 -37.69
C LEU B 400 -5.57 -28.61 -39.16
N LEU B 401 -5.75 -27.41 -39.72
CA LEU B 401 -5.22 -27.05 -41.02
C LEU B 401 -3.98 -26.22 -40.75
N ARG B 402 -2.86 -26.93 -40.78
CA ARG B 402 -1.59 -26.39 -40.36
C ARG B 402 -1.00 -25.67 -41.56
N LEU B 403 -1.09 -24.35 -41.56
CA LEU B 403 -0.62 -23.55 -42.69
C LEU B 403 0.88 -23.32 -42.56
N PRO B 404 1.57 -22.96 -43.66
CA PRO B 404 2.95 -22.46 -43.57
C PRO B 404 3.16 -21.32 -42.59
N LYS B 405 4.36 -21.27 -42.01
CA LYS B 405 4.66 -20.40 -40.88
C LYS B 405 4.53 -18.94 -41.28
N ASP B 406 4.55 -18.67 -42.61
CA ASP B 406 4.42 -17.30 -43.10
C ASP B 406 3.09 -17.08 -43.81
N ALA B 407 2.09 -17.94 -43.58
CA ALA B 407 0.81 -17.83 -44.27
C ALA B 407 -0.14 -16.81 -43.63
N LEU B 408 0.17 -16.32 -42.42
CA LEU B 408 -0.63 -15.30 -41.77
C LEU B 408 0.25 -14.09 -41.47
N PRO B 409 0.71 -13.35 -42.49
CA PRO B 409 1.54 -12.16 -42.26
C PRO B 409 0.75 -11.14 -41.44
N TYR B 410 1.41 -10.54 -40.46
CA TYR B 410 0.80 -9.58 -39.55
C TYR B 410 0.76 -8.20 -40.20
N VAL B 411 -0.22 -7.40 -39.80
CA VAL B 411 -0.22 -5.97 -40.08
C VAL B 411 0.38 -5.25 -38.89
N PRO B 412 1.42 -4.40 -39.09
CA PRO B 412 1.96 -3.60 -38.00
C PRO B 412 0.91 -2.65 -37.40
N SER B 413 0.92 -2.54 -36.07
CA SER B 413 0.18 -1.53 -35.34
C SER B 413 0.63 -0.14 -35.80
N SER B 414 -0.34 0.76 -35.97
CA SER B 414 -0.10 2.14 -36.34
C SER B 414 0.52 2.91 -35.16
N LEU B 415 0.41 2.37 -33.93
CA LEU B 415 0.96 3.00 -32.74
C LEU B 415 2.40 2.55 -32.48
N ALA B 416 2.97 1.74 -33.38
CA ALA B 416 4.31 1.21 -33.20
C ALA B 416 5.33 2.35 -33.12
N PRO B 417 6.27 2.34 -32.16
CA PRO B 417 7.24 3.44 -32.01
C PRO B 417 8.27 3.35 -33.12
N THR B 418 8.70 4.51 -33.65
CA THR B 418 9.44 4.55 -34.90
C THR B 418 10.95 4.74 -34.67
N ASP B 419 11.33 5.34 -33.54
CA ASP B 419 12.72 5.69 -33.32
C ASP B 419 13.07 5.32 -31.89
N VAL B 420 12.89 4.06 -31.52
CA VAL B 420 13.20 3.63 -30.16
C VAL B 420 14.66 3.93 -29.85
N GLN B 421 14.92 4.51 -28.67
CA GLN B 421 16.27 4.65 -28.14
C GLN B 421 16.49 3.52 -27.14
N TYR B 422 17.53 2.71 -27.40
CA TYR B 422 17.73 1.47 -26.67
C TYR B 422 18.57 1.77 -25.43
N VAL B 423 18.26 1.13 -24.31
CA VAL B 423 19.06 1.24 -23.10
C VAL B 423 19.68 -0.12 -22.85
N LEU B 424 20.99 -0.24 -23.08
CA LEU B 424 21.74 -1.46 -22.83
C LEU B 424 22.68 -1.21 -21.67
N ARG B 425 22.23 -1.55 -20.45
CA ARG B 425 23.03 -1.32 -19.26
C ARG B 425 24.08 -2.43 -19.15
N GLU B 426 25.36 -2.02 -19.02
CA GLU B 426 26.45 -2.97 -19.06
C GLU B 426 26.44 -3.88 -17.83
N THR B 427 26.37 -3.30 -16.64
CA THR B 427 26.51 -4.09 -15.43
C THR B 427 25.55 -3.51 -14.42
N PRO B 428 24.23 -3.72 -14.62
CA PRO B 428 23.25 -3.10 -13.73
C PRO B 428 23.39 -3.71 -12.35
N GLU B 429 23.22 -2.87 -11.33
CA GLU B 429 23.27 -3.28 -9.95
C GLU B 429 22.07 -4.20 -9.64
N VAL B 430 20.93 -3.87 -10.24
CA VAL B 430 19.69 -4.62 -10.09
C VAL B 430 19.21 -4.92 -11.50
N VAL B 431 19.00 -6.21 -11.81
CA VAL B 431 18.46 -6.58 -13.11
C VAL B 431 16.94 -6.38 -13.06
N ASN B 432 16.44 -5.42 -13.86
CA ASN B 432 15.02 -5.14 -13.95
C ASN B 432 14.42 -6.09 -14.95
N ILE B 433 13.39 -6.83 -14.52
CA ILE B 433 12.77 -7.86 -15.35
C ILE B 433 11.32 -7.48 -15.62
N GLY B 434 11.00 -7.23 -16.88
CA GLY B 434 9.64 -6.88 -17.26
C GLY B 434 8.79 -8.12 -17.49
N ILE B 435 7.52 -8.05 -17.05
CA ILE B 435 6.55 -9.09 -17.32
C ILE B 435 5.30 -8.40 -17.87
N ALA B 436 5.04 -8.62 -19.15
CA ALA B 436 3.88 -8.04 -19.82
C ALA B 436 2.82 -9.12 -19.83
N ALA B 437 1.83 -8.98 -18.95
CA ALA B 437 0.81 -10.01 -18.90
C ALA B 437 -0.52 -9.42 -18.48
N THR B 438 -1.59 -9.85 -19.16
CA THR B 438 -2.92 -9.66 -18.64
C THR B 438 -3.04 -10.45 -17.33
N THR B 439 -3.98 -10.03 -16.48
CA THR B 439 -4.16 -10.68 -15.20
C THR B 439 -4.54 -12.15 -15.34
N MET B 440 -5.23 -12.53 -16.42
CA MET B 440 -5.66 -13.91 -16.62
C MET B 440 -4.47 -14.88 -16.64
N LYS B 441 -3.31 -14.35 -17.05
CA LYS B 441 -2.12 -15.17 -17.26
C LYS B 441 -1.30 -15.38 -15.99
N LEU B 442 -1.66 -14.71 -14.89
CA LEU B 442 -1.02 -14.88 -13.60
C LEU B 442 -1.65 -16.05 -12.85
N ASN B 443 -0.81 -16.74 -12.09
CA ASN B 443 -1.25 -17.89 -11.32
C ASN B 443 -0.15 -18.25 -10.33
N PRO B 444 -0.43 -19.15 -9.36
CA PRO B 444 0.55 -19.46 -8.34
C PRO B 444 1.81 -20.16 -8.82
N TYR B 445 1.71 -20.96 -9.88
CA TYR B 445 2.89 -21.61 -10.39
C TYR B 445 3.86 -20.57 -10.94
N PHE B 446 3.33 -19.63 -11.72
CA PHE B 446 4.15 -18.62 -12.34
C PHE B 446 4.79 -17.75 -11.26
N LEU B 447 3.99 -17.28 -10.29
CA LEU B 447 4.54 -16.43 -9.24
C LEU B 447 5.57 -17.16 -8.37
N GLU B 448 5.31 -18.42 -8.03
CA GLU B 448 6.27 -19.21 -7.24
C GLU B 448 7.59 -19.36 -8.01
N THR B 449 7.48 -19.48 -9.34
CA THR B 449 8.62 -19.58 -10.23
C THR B 449 9.47 -18.31 -10.18
N LEU B 450 8.81 -17.14 -10.24
CA LEU B 450 9.52 -15.89 -10.13
C LEU B 450 10.20 -15.78 -8.78
N LYS B 451 9.52 -16.21 -7.71
CA LYS B 451 10.10 -16.13 -6.39
C LYS B 451 11.37 -16.98 -6.31
N THR B 452 11.36 -18.14 -6.94
CA THR B 452 12.52 -19.02 -6.93
C THR B 452 13.67 -18.39 -7.72
N ILE B 453 13.37 -17.75 -8.88
CA ILE B 453 14.38 -17.07 -9.66
C ILE B 453 15.05 -16.01 -8.77
N ARG B 454 14.23 -15.25 -8.06
CA ARG B 454 14.72 -14.20 -7.17
C ARG B 454 15.62 -14.82 -6.10
N ASP B 455 15.16 -15.90 -5.49
CA ASP B 455 15.81 -16.46 -4.32
C ASP B 455 17.12 -17.14 -4.70
N ARG B 456 17.25 -17.61 -5.93
CA ARG B 456 18.40 -18.39 -6.32
C ARG B 456 19.41 -17.58 -7.11
N ALA B 457 19.00 -16.49 -7.75
CA ALA B 457 19.88 -15.76 -8.63
C ALA B 457 21.01 -15.14 -7.81
N LYS B 458 22.21 -15.09 -8.38
CA LYS B 458 23.33 -14.45 -7.69
C LYS B 458 23.39 -12.96 -8.02
N VAL B 459 22.42 -12.43 -8.78
CA VAL B 459 22.30 -11.00 -8.96
C VAL B 459 20.99 -10.55 -8.32
N LYS B 460 20.91 -9.27 -7.95
CA LYS B 460 19.67 -8.67 -7.47
C LYS B 460 18.72 -8.47 -8.64
N VAL B 461 17.42 -8.76 -8.41
CA VAL B 461 16.46 -8.58 -9.48
C VAL B 461 15.28 -7.76 -8.95
N HIS B 462 14.55 -7.15 -9.90
CA HIS B 462 13.29 -6.50 -9.58
C HIS B 462 12.31 -6.79 -10.71
N PHE B 463 11.09 -7.20 -10.38
CA PHE B 463 10.10 -7.55 -11.39
C PHE B 463 9.11 -6.41 -11.59
N HIS B 464 9.00 -5.92 -12.81
CA HIS B 464 8.02 -4.90 -13.15
C HIS B 464 6.87 -5.57 -13.92
N PHE B 465 5.70 -5.68 -13.31
CA PHE B 465 4.54 -6.28 -13.95
C PHE B 465 3.71 -5.19 -14.62
N ALA B 466 3.60 -5.26 -15.94
CA ALA B 466 2.73 -4.37 -16.70
C ALA B 466 1.41 -5.11 -16.93
N LEU B 467 0.42 -4.79 -16.09
CA LEU B 467 -0.76 -5.66 -15.89
C LEU B 467 -2.00 -5.21 -16.67
N GLY B 468 -2.20 -5.80 -17.85
CA GLY B 468 -3.45 -5.64 -18.58
C GLY B 468 -4.64 -6.13 -17.74
N GLN B 469 -5.72 -5.33 -17.72
CA GLN B 469 -6.97 -5.63 -17.04
C GLN B 469 -6.85 -5.39 -15.53
N SER B 470 -5.70 -4.92 -15.01
CA SER B 470 -5.63 -4.54 -13.60
C SER B 470 -6.03 -3.06 -13.50
N ILE B 471 -7.35 -2.85 -13.36
CA ILE B 471 -7.99 -1.54 -13.47
C ILE B 471 -8.84 -1.33 -12.22
N GLY B 472 -8.79 -0.12 -11.64
CA GLY B 472 -9.73 0.26 -10.60
C GLY B 472 -9.67 -0.67 -9.38
N ILE B 473 -10.82 -1.26 -9.01
CA ILE B 473 -10.91 -2.02 -7.79
C ILE B 473 -10.19 -3.38 -7.91
N THR B 474 -9.74 -3.74 -9.11
CA THR B 474 -9.00 -4.96 -9.30
C THR B 474 -7.60 -4.84 -8.72
N HIS B 475 -7.04 -3.64 -8.79
CA HIS B 475 -5.61 -3.45 -8.61
C HIS B 475 -5.11 -3.78 -7.20
N PRO B 476 -5.69 -3.26 -6.11
CA PRO B 476 -5.13 -3.59 -4.79
C PRO B 476 -4.98 -5.08 -4.55
N TYR B 477 -5.99 -5.85 -4.96
CA TYR B 477 -5.98 -7.31 -4.85
C TYR B 477 -4.81 -7.92 -5.60
N VAL B 478 -4.59 -7.48 -6.86
CA VAL B 478 -3.51 -8.02 -7.67
C VAL B 478 -2.15 -7.60 -7.09
N ALA B 479 -2.06 -6.35 -6.63
CA ALA B 479 -0.80 -5.89 -6.06
C ALA B 479 -0.46 -6.69 -4.80
N ARG B 480 -1.47 -6.96 -3.95
CA ARG B 480 -1.24 -7.70 -2.74
C ARG B 480 -0.79 -9.12 -3.05
N PHE B 481 -1.47 -9.75 -4.03
CA PHE B 481 -1.05 -11.06 -4.54
C PHE B 481 0.44 -11.04 -4.88
N ILE B 482 0.87 -10.06 -5.68
CA ILE B 482 2.26 -10.05 -6.15
C ILE B 482 3.18 -9.87 -4.94
N ARG B 483 2.81 -8.96 -4.04
CA ARG B 483 3.59 -8.71 -2.85
C ARG B 483 3.70 -9.95 -1.98
N SER B 484 2.67 -10.80 -1.96
CA SER B 484 2.70 -11.97 -1.11
C SER B 484 3.81 -12.93 -1.55
N TYR B 485 4.20 -12.90 -2.82
CA TYR B 485 5.29 -13.75 -3.29
C TYR B 485 6.64 -13.02 -3.32
N LEU B 486 6.65 -11.76 -3.77
CA LEU B 486 7.88 -11.08 -4.12
C LEU B 486 8.22 -9.87 -3.22
N GLY B 487 7.37 -9.55 -2.24
CA GLY B 487 7.64 -8.45 -1.31
C GLY B 487 8.03 -7.16 -2.04
N ASP B 488 9.14 -6.56 -1.63
CA ASP B 488 9.60 -5.30 -2.22
C ASP B 488 10.33 -5.53 -3.54
N ASP B 489 10.46 -6.77 -4.01
CA ASP B 489 11.23 -7.02 -5.24
C ASP B 489 10.34 -7.05 -6.49
N ALA B 490 9.13 -6.52 -6.40
CA ALA B 490 8.28 -6.41 -7.56
C ALA B 490 7.44 -5.15 -7.45
N THR B 491 7.10 -4.60 -8.61
CA THR B 491 6.17 -3.49 -8.75
C THR B 491 5.04 -3.89 -9.69
N ALA B 492 3.81 -3.68 -9.22
CA ALA B 492 2.61 -4.01 -9.95
C ALA B 492 2.08 -2.74 -10.62
N HIS B 493 2.29 -2.62 -11.92
CA HIS B 493 1.84 -1.45 -12.63
C HIS B 493 0.41 -1.68 -13.12
N PRO B 494 -0.56 -0.80 -12.79
CA PRO B 494 -1.91 -0.93 -13.32
C PRO B 494 -1.91 -0.78 -14.84
N HIS B 495 -2.98 -1.26 -15.46
CA HIS B 495 -3.22 -1.13 -16.88
C HIS B 495 -2.99 0.32 -17.25
N SER B 496 -2.21 0.55 -18.31
CA SER B 496 -1.78 1.91 -18.61
C SER B 496 -1.96 2.16 -20.10
N PRO B 497 -1.95 3.43 -20.54
CA PRO B 497 -1.89 3.72 -21.98
C PRO B 497 -0.61 3.17 -22.58
N TYR B 498 -0.62 2.97 -23.91
CA TYR B 498 0.42 2.23 -24.61
C TYR B 498 1.80 2.82 -24.36
N ASN B 499 1.92 4.15 -24.39
CA ASN B 499 3.22 4.79 -24.31
C ASN B 499 3.83 4.63 -22.92
N ARG B 500 3.00 4.69 -21.87
CA ARG B 500 3.43 4.47 -20.50
C ARG B 500 3.88 3.01 -20.33
N TYR B 501 3.09 2.09 -20.89
CA TYR B 501 3.39 0.67 -20.89
C TYR B 501 4.76 0.41 -21.52
N LEU B 502 5.04 1.02 -22.68
CA LEU B 502 6.34 0.86 -23.32
C LEU B 502 7.45 1.49 -22.47
N ASP B 503 7.19 2.62 -21.80
CA ASP B 503 8.18 3.22 -20.90
C ASP B 503 8.56 2.26 -19.77
N ILE B 504 7.57 1.57 -19.20
CA ILE B 504 7.81 0.60 -18.13
C ILE B 504 8.77 -0.49 -18.63
N LEU B 505 8.47 -1.07 -19.78
CA LEU B 505 9.27 -2.18 -20.27
C LEU B 505 10.66 -1.71 -20.71
N HIS B 506 10.76 -0.50 -21.27
CA HIS B 506 12.00 0.01 -21.85
C HIS B 506 13.08 0.17 -20.77
N ASN B 507 12.61 0.38 -19.54
CA ASN B 507 13.42 0.55 -18.34
C ASN B 507 13.98 -0.78 -17.83
N CYS B 508 13.58 -1.91 -18.45
CA CYS B 508 13.97 -3.23 -18.00
C CYS B 508 15.18 -3.72 -18.80
N ASP B 509 15.84 -4.75 -18.27
CA ASP B 509 17.05 -5.32 -18.87
C ASP B 509 16.73 -6.61 -19.60
N MET B 510 15.57 -7.22 -19.27
CA MET B 510 15.16 -8.47 -19.88
C MET B 510 13.67 -8.64 -19.55
N MET B 511 13.04 -9.61 -20.18
CA MET B 511 11.63 -9.87 -19.91
C MET B 511 11.45 -11.36 -19.64
N LEU B 512 10.34 -11.70 -18.97
CA LEU B 512 9.98 -13.09 -18.75
C LEU B 512 8.52 -13.27 -19.16
N ASN B 513 8.21 -14.37 -19.82
CA ASN B 513 6.87 -14.59 -20.33
C ASN B 513 6.09 -15.47 -19.36
N PRO B 514 4.78 -15.21 -19.17
CA PRO B 514 3.97 -16.02 -18.26
C PRO B 514 3.73 -17.39 -18.87
N PHE B 515 3.34 -18.30 -17.95
CA PHE B 515 2.86 -19.58 -18.39
C PHE B 515 1.75 -20.03 -17.45
N PRO B 516 0.86 -20.98 -17.84
CA PRO B 516 0.95 -21.72 -19.10
C PRO B 516 0.56 -20.97 -20.38
N PHE B 517 -0.20 -19.90 -20.21
CA PHE B 517 -0.70 -19.16 -21.34
C PHE B 517 0.28 -18.01 -21.59
N GLY B 518 1.03 -18.10 -22.70
CA GLY B 518 2.08 -17.13 -22.97
C GLY B 518 1.57 -15.89 -23.70
N ASN B 519 2.51 -15.25 -24.42
CA ASN B 519 2.33 -13.93 -25.03
C ASN B 519 2.46 -14.02 -26.55
N THR B 520 1.83 -13.04 -27.25
CA THR B 520 2.09 -12.79 -28.67
C THR B 520 2.47 -11.31 -28.84
N ASN B 521 1.51 -10.42 -28.55
CA ASN B 521 1.77 -8.99 -28.57
C ASN B 521 2.98 -8.65 -27.72
N GLY B 522 3.06 -9.25 -26.53
CA GLY B 522 4.11 -8.87 -25.60
C GLY B 522 5.50 -9.20 -26.13
N ILE B 523 5.58 -10.23 -27.00
CA ILE B 523 6.84 -10.61 -27.62
C ILE B 523 7.23 -9.59 -28.70
N ILE B 524 6.24 -9.14 -29.46
CA ILE B 524 6.47 -8.09 -30.44
C ILE B 524 6.97 -6.81 -29.75
N ASP B 525 6.35 -6.45 -28.62
CA ASP B 525 6.78 -5.31 -27.81
C ASP B 525 8.22 -5.52 -27.34
N MET B 526 8.53 -6.73 -26.86
CA MET B 526 9.86 -7.04 -26.38
C MET B 526 10.93 -6.70 -27.43
N VAL B 527 10.75 -7.24 -28.64
CA VAL B 527 11.80 -7.10 -29.65
C VAL B 527 11.78 -5.69 -30.24
N THR B 528 10.61 -5.06 -30.29
CA THR B 528 10.53 -3.64 -30.62
C THR B 528 11.48 -2.79 -29.77
N LEU B 529 11.59 -3.12 -28.47
CA LEU B 529 12.42 -2.38 -27.53
C LEU B 529 13.85 -2.96 -27.48
N GLY B 530 14.14 -3.93 -28.36
CA GLY B 530 15.43 -4.59 -28.43
C GLY B 530 15.74 -5.41 -27.18
N LEU B 531 14.68 -5.92 -26.52
CA LEU B 531 14.86 -6.73 -25.32
C LEU B 531 14.85 -8.21 -25.69
N VAL B 532 15.29 -9.01 -24.73
CA VAL B 532 15.33 -10.45 -24.85
C VAL B 532 14.69 -11.01 -23.58
N GLY B 533 14.23 -12.26 -23.65
CA GLY B 533 13.63 -12.87 -22.48
C GLY B 533 13.49 -14.38 -22.64
N VAL B 534 12.89 -14.99 -21.62
CA VAL B 534 12.70 -16.43 -21.54
C VAL B 534 11.21 -16.73 -21.64
N CYS B 535 10.88 -17.85 -22.28
CA CYS B 535 9.52 -18.33 -22.33
C CYS B 535 9.48 -19.83 -21.99
N LYS B 536 8.26 -20.30 -21.70
CA LYS B 536 8.01 -21.71 -21.52
C LYS B 536 7.21 -22.21 -22.71
N THR B 537 7.52 -23.43 -23.16
CA THR B 537 6.77 -24.06 -24.22
C THR B 537 5.96 -25.23 -23.65
N GLY B 538 5.05 -25.74 -24.47
CA GLY B 538 4.30 -26.93 -24.15
C GLY B 538 3.30 -27.25 -25.24
N PRO B 539 2.36 -28.21 -25.00
CA PRO B 539 1.59 -28.79 -26.09
C PRO B 539 0.45 -27.93 -26.67
N GLU B 540 -0.19 -27.08 -25.86
CA GLU B 540 -1.27 -26.25 -26.37
C GLU B 540 -0.69 -25.18 -27.29
N VAL B 541 -1.49 -24.73 -28.26
CA VAL B 541 -1.10 -23.58 -29.03
C VAL B 541 -0.76 -22.40 -28.11
N HIS B 542 -1.55 -22.16 -27.03
CA HIS B 542 -1.26 -20.98 -26.22
C HIS B 542 0.03 -21.13 -25.39
N GLU B 543 0.53 -22.37 -25.27
CA GLU B 543 1.81 -22.64 -24.66
C GLU B 543 2.96 -22.58 -25.69
N HIS B 544 2.65 -22.84 -26.96
CA HIS B 544 3.67 -23.13 -27.96
C HIS B 544 3.96 -21.93 -28.85
N ILE B 545 3.03 -20.96 -28.93
CA ILE B 545 3.22 -19.78 -29.75
C ILE B 545 4.54 -19.08 -29.44
N ASP B 546 4.89 -18.95 -28.16
CA ASP B 546 6.06 -18.20 -27.74
C ASP B 546 7.32 -18.84 -28.36
N GLU B 547 7.36 -20.17 -28.35
CA GLU B 547 8.44 -20.93 -28.97
C GLU B 547 8.51 -20.60 -30.46
N GLY B 548 7.37 -20.64 -31.14
CA GLY B 548 7.37 -20.40 -32.56
C GLY B 548 7.77 -18.97 -32.92
N LEU B 549 7.26 -18.01 -32.13
CA LEU B 549 7.54 -16.59 -32.36
C LEU B 549 9.02 -16.28 -32.11
N PHE B 550 9.57 -16.84 -31.03
CA PHE B 550 10.98 -16.64 -30.73
C PHE B 550 11.80 -17.11 -31.93
N LYS B 551 11.44 -18.26 -32.49
CA LYS B 551 12.22 -18.81 -33.60
C LYS B 551 12.05 -17.93 -34.84
N ARG B 552 10.84 -17.46 -35.13
CA ARG B 552 10.62 -16.58 -36.27
C ARG B 552 11.49 -15.33 -36.14
N LEU B 553 11.63 -14.84 -34.91
CA LEU B 553 12.31 -13.58 -34.65
C LEU B 553 13.82 -13.79 -34.51
N GLY B 554 14.31 -15.03 -34.60
CA GLY B 554 15.74 -15.31 -34.56
C GLY B 554 16.32 -15.34 -33.15
N LEU B 555 15.47 -15.50 -32.12
CA LEU B 555 15.97 -15.67 -30.76
C LEU B 555 16.46 -17.10 -30.59
N PRO B 556 17.55 -17.33 -29.85
CA PRO B 556 18.11 -18.68 -29.73
C PRO B 556 17.31 -19.60 -28.82
N GLU B 557 17.47 -20.89 -29.05
CA GLU B 557 16.63 -21.95 -28.53
C GLU B 557 16.78 -22.09 -27.01
N TRP B 558 17.96 -21.74 -26.47
CA TRP B 558 18.15 -21.85 -25.02
C TRP B 558 17.17 -20.99 -24.22
N LEU B 559 16.55 -19.99 -24.83
CA LEU B 559 15.61 -19.09 -24.14
C LEU B 559 14.22 -19.71 -24.07
N ILE B 560 14.05 -20.87 -24.74
CA ILE B 560 12.79 -21.60 -24.78
C ILE B 560 12.88 -22.80 -23.85
N ALA B 561 12.08 -22.76 -22.77
CA ALA B 561 12.16 -23.76 -21.71
C ALA B 561 11.03 -24.77 -21.83
N ASP B 562 11.32 -26.05 -21.57
CA ASP B 562 10.30 -27.10 -21.62
C ASP B 562 9.63 -27.24 -20.25
N SER B 563 10.43 -27.43 -19.22
CA SER B 563 9.92 -27.62 -17.87
C SER B 563 10.05 -26.32 -17.05
N VAL B 564 9.41 -26.30 -15.89
CA VAL B 564 9.48 -25.15 -15.00
C VAL B 564 10.93 -25.03 -14.51
N GLU B 565 11.56 -26.17 -14.20
CA GLU B 565 12.94 -26.13 -13.74
C GLU B 565 13.84 -25.53 -14.83
N ASP B 566 13.62 -25.92 -16.08
CA ASP B 566 14.33 -25.36 -17.21
C ASP B 566 14.15 -23.84 -17.22
N TYR B 567 12.89 -23.38 -17.07
CA TYR B 567 12.58 -21.96 -17.10
C TYR B 567 13.38 -21.19 -16.05
N ILE B 568 13.40 -21.72 -14.82
CA ILE B 568 14.14 -21.13 -13.72
C ILE B 568 15.61 -21.01 -14.10
N GLU B 569 16.19 -22.07 -14.66
CA GLU B 569 17.61 -22.10 -14.97
C GLU B 569 17.93 -21.07 -16.05
N ARG B 570 17.10 -21.00 -17.09
CA ARG B 570 17.33 -20.08 -18.20
C ARG B 570 17.15 -18.63 -17.74
N ALA B 571 16.13 -18.37 -16.92
CA ALA B 571 15.87 -17.03 -16.44
C ALA B 571 17.07 -16.54 -15.60
N ILE B 572 17.57 -17.39 -14.70
CA ILE B 572 18.73 -17.04 -13.89
C ILE B 572 19.94 -16.76 -14.79
N ARG B 573 20.16 -17.62 -15.79
CA ARG B 573 21.29 -17.47 -16.71
C ARG B 573 21.20 -16.12 -17.41
N LEU B 574 20.01 -15.76 -17.91
CA LEU B 574 19.87 -14.52 -18.66
C LEU B 574 20.09 -13.31 -17.74
N ALA B 575 19.72 -13.44 -16.46
CA ALA B 575 19.85 -12.35 -15.50
C ALA B 575 21.31 -12.17 -15.09
N GLU B 576 21.97 -13.31 -14.82
CA GLU B 576 23.31 -13.31 -14.26
C GLU B 576 24.36 -12.96 -15.33
N ASN B 577 24.17 -13.45 -16.55
CA ASN B 577 25.19 -13.39 -17.60
C ASN B 577 25.03 -12.08 -18.38
N HIS B 578 25.45 -10.96 -17.77
CA HIS B 578 25.21 -9.63 -18.29
C HIS B 578 25.73 -9.48 -19.71
N GLN B 579 26.98 -9.90 -19.93
CA GLN B 579 27.61 -9.73 -21.22
C GLN B 579 26.90 -10.61 -22.27
N GLU B 580 26.54 -11.85 -21.90
CA GLU B 580 25.84 -12.73 -22.81
C GLU B 580 24.50 -12.10 -23.18
N ARG B 581 23.80 -11.52 -22.18
CA ARG B 581 22.49 -10.92 -22.41
C ARG B 581 22.64 -9.75 -23.37
N LEU B 582 23.62 -8.87 -23.12
CA LEU B 582 23.79 -7.69 -23.96
C LEU B 582 24.15 -8.09 -25.40
N ALA B 583 24.94 -9.17 -25.55
CA ALA B 583 25.30 -9.64 -26.88
C ALA B 583 24.04 -10.03 -27.65
N LEU B 584 23.13 -10.80 -27.01
CA LEU B 584 21.90 -11.21 -27.65
C LEU B 584 21.08 -9.99 -28.05
N ARG B 585 21.01 -8.99 -27.16
CA ARG B 585 20.21 -7.82 -27.44
C ARG B 585 20.75 -7.11 -28.68
N ARG B 586 22.09 -7.03 -28.80
CA ARG B 586 22.71 -6.39 -29.96
C ARG B 586 22.39 -7.14 -31.25
N HIS B 587 22.47 -8.48 -31.19
CA HIS B 587 22.02 -9.34 -32.27
C HIS B 587 20.59 -8.97 -32.69
N ILE B 588 19.66 -8.88 -31.72
CA ILE B 588 18.25 -8.67 -31.99
C ILE B 588 17.99 -7.27 -32.58
N ILE B 589 18.65 -6.24 -32.02
CA ILE B 589 18.54 -4.87 -32.53
C ILE B 589 19.02 -4.80 -33.98
N GLU B 590 20.15 -5.45 -34.28
CA GLU B 590 20.72 -5.41 -35.63
C GLU B 590 19.89 -6.25 -36.61
N ASN B 591 19.33 -7.38 -36.15
CA ASN B 591 18.62 -8.32 -37.00
C ASN B 591 17.25 -7.83 -37.42
N ASN B 592 16.50 -7.23 -36.49
CA ASN B 592 15.19 -6.70 -36.81
C ASN B 592 14.35 -7.81 -37.45
N GLY B 593 14.26 -8.97 -36.78
CA GLY B 593 13.44 -10.09 -37.23
C GLY B 593 11.96 -9.75 -37.33
N LEU B 594 11.58 -8.65 -36.67
CA LEU B 594 10.22 -8.14 -36.63
C LEU B 594 9.68 -7.97 -38.05
N LYS B 595 10.51 -7.41 -38.93
CA LYS B 595 10.10 -7.09 -40.29
C LYS B 595 9.59 -8.35 -41.02
N THR B 596 10.11 -9.54 -40.67
CA THR B 596 9.73 -10.79 -41.33
C THR B 596 8.33 -11.26 -40.91
N LEU B 597 7.76 -10.71 -39.83
CA LEU B 597 6.41 -11.06 -39.42
C LEU B 597 5.40 -10.47 -40.41
N PHE B 598 5.80 -9.42 -41.12
CA PHE B 598 4.89 -8.65 -41.96
C PHE B 598 4.97 -9.13 -43.41
N SER B 599 5.87 -10.07 -43.66
CA SER B 599 6.03 -10.66 -44.98
C SER B 599 5.58 -12.10 -44.94
N GLY B 600 5.32 -12.61 -46.13
CA GLY B 600 4.80 -13.95 -46.26
C GLY B 600 3.65 -13.93 -47.26
N ASP B 601 3.38 -15.11 -47.79
CA ASP B 601 2.38 -15.29 -48.80
C ASP B 601 1.11 -15.72 -48.07
N PRO B 602 0.05 -14.87 -48.11
CA PRO B 602 -1.18 -15.09 -47.36
C PRO B 602 -2.23 -15.99 -48.00
N SER B 603 -1.92 -16.60 -49.16
CA SER B 603 -2.93 -17.28 -49.95
C SER B 603 -3.28 -18.67 -49.42
N PRO B 604 -2.43 -19.37 -48.61
CA PRO B 604 -2.75 -20.75 -48.23
C PRO B 604 -4.10 -21.03 -47.57
N MET B 605 -4.61 -20.10 -46.74
CA MET B 605 -5.87 -20.38 -46.07
C MET B 605 -6.97 -20.54 -47.12
N GLY B 606 -7.08 -19.56 -48.04
CA GLY B 606 -8.06 -19.61 -49.13
C GLY B 606 -7.93 -20.89 -49.96
N LYS B 607 -6.68 -21.25 -50.27
CA LYS B 607 -6.41 -22.38 -51.16
C LYS B 607 -6.76 -23.67 -50.46
N THR B 608 -6.45 -23.76 -49.16
CA THR B 608 -6.70 -24.98 -48.41
C THR B 608 -8.21 -25.19 -48.27
N LEU B 609 -8.93 -24.11 -47.97
CA LEU B 609 -10.37 -24.23 -47.72
C LEU B 609 -11.11 -24.53 -49.03
N PHE B 610 -10.58 -23.99 -50.14
CA PHE B 610 -11.18 -24.24 -51.45
C PHE B 610 -10.99 -25.72 -51.80
N ALA B 611 -9.79 -26.27 -51.57
CA ALA B 611 -9.55 -27.70 -51.80
C ALA B 611 -10.49 -28.53 -50.94
N LYS B 612 -10.71 -28.13 -49.68
CA LYS B 612 -11.61 -28.89 -48.83
C LYS B 612 -13.01 -28.87 -49.39
N LEU B 613 -13.44 -27.71 -49.91
CA LEU B 613 -14.77 -27.61 -50.50
C LEU B 613 -14.88 -28.51 -51.74
N THR B 614 -13.86 -28.45 -52.61
CA THR B 614 -13.79 -29.29 -53.79
C THR B 614 -14.00 -30.75 -53.39
N GLU B 615 -13.26 -31.21 -52.36
CA GLU B 615 -13.28 -32.59 -51.92
C GLU B 615 -14.67 -32.95 -51.39
N TRP B 616 -15.24 -32.01 -50.64
CA TRP B 616 -16.57 -32.18 -50.09
C TRP B 616 -17.61 -32.38 -51.20
N ARG B 617 -17.46 -31.61 -52.30
CA ARG B 617 -18.43 -31.61 -53.39
C ARG B 617 -18.65 -32.99 -54.04
N GLN B 618 -17.93 -34.03 -53.60
CA GLN B 618 -18.32 -35.41 -53.86
C GLN B 618 -19.27 -35.95 -52.77
N THR B 619 -19.91 -35.09 -51.96
CA THR B 619 -21.10 -35.52 -51.24
C THR B 619 -22.26 -35.61 -52.22
N ASN B 620 -22.31 -34.66 -53.16
CA ASN B 620 -23.37 -34.59 -54.16
C ASN B 620 -23.36 -33.25 -54.90
N GLY B 621 -22.76 -32.20 -54.30
CA GLY B 621 -22.76 -30.87 -54.89
C GLY B 621 -23.96 -30.05 -54.43
#